data_4GVS
#
_entry.id   4GVS
#
_cell.length_a   91.900
_cell.length_b   108.990
_cell.length_c   114.910
_cell.angle_alpha   90.00
_cell.angle_beta   90.00
_cell.angle_gamma   90.00
#
_symmetry.space_group_name_H-M   'P 21 21 21'
#
loop_
_entity.id
_entity.type
_entity.pdbx_description
1 polymer 'Methenyltetrahydromethanopterin cyclohydrolase'
2 non-polymer '1-[4-({(1R)-1-[(6S,7R)-2-amino-5-formyl-7-methyl-4-oxo-1,4,5,6,7,8-hexahydropteridin-6-yl]ethyl}amino)phenyl]-1-deoxy-5 -O-{5-O-[(R)-{[(1R)-1,3-dicarboxypropyl]oxy}(hydroxy)phosphoryl]-alpha-D-ribofuranosyl}-D-ribitol'
3 water water
#
_entity_poly.entity_id   1
_entity_poly.type   'polypeptide(L)'
_entity_poly.pdbx_seq_one_letter_code
;MLSVNEIAAEIVEDMLDYEEELRIESKKLENGAIVVDCGVNVPGSYDAGIMYTQVCMGGLADVDIVVDTINDVPFAFVTE
YTDHPAIACLGSQKAGWQIKVDKYFAMGSGPARALALKPKKTYERIEYEDDADVAVIALEANQLPDEKVMEFIAKECDVD
PENVYALVAPTASIVGSVQISGRIVQTAIFKMNEIGYDPKLIVSGAGRCPISPILENDLKAMGSTNDSMMYYGSVFLTVK
KYDEILKNVPSCTSRDYGKPFYEIFKAANYDFYKIDPNLFAPAQIAVNDLETGKTYVHGKLNAEVLFQSYQIVLEE
;
_entity_poly.pdbx_strand_id   A,B,C
#
# COMPACT_ATOMS: atom_id res chain seq x y z
N MET A 1 27.78 7.25 3.71
CA MET A 1 27.23 7.02 5.06
C MET A 1 25.81 7.56 5.06
N LEU A 2 24.91 6.93 5.82
CA LEU A 2 23.52 7.39 5.86
C LEU A 2 23.28 8.30 7.05
N SER A 3 22.86 9.54 6.79
CA SER A 3 22.58 10.48 7.93
C SER A 3 21.10 10.51 8.28
N VAL A 4 20.70 9.86 9.36
CA VAL A 4 19.26 9.83 9.75
C VAL A 4 18.72 11.27 9.93
N ASN A 5 19.54 12.23 10.38
CA ASN A 5 19.03 13.60 10.52
C ASN A 5 18.84 14.29 9.19
N GLU A 6 19.79 14.14 8.25
CA GLU A 6 19.63 14.85 6.97
C GLU A 6 18.42 14.32 6.16
N ILE A 7 18.30 13.00 6.16
CA ILE A 7 17.18 12.30 5.47
C ILE A 7 15.86 12.69 6.15
N ALA A 8 15.77 12.62 7.49
CA ALA A 8 14.54 12.95 8.20
C ALA A 8 14.20 14.43 8.01
N ALA A 9 15.22 15.30 7.95
CA ALA A 9 14.94 16.72 7.72
C ALA A 9 14.18 16.98 6.40
N GLU A 10 14.49 16.22 5.38
CA GLU A 10 13.78 16.34 4.14
C GLU A 10 12.30 15.99 4.28
N ILE A 11 12.00 15.01 5.13
CA ILE A 11 10.60 14.60 5.38
C ILE A 11 9.87 15.75 6.09
N VAL A 12 10.56 16.39 7.03
CA VAL A 12 9.95 17.47 7.78
C VAL A 12 9.73 18.60 6.83
N GLU A 13 10.70 18.97 6.00
CA GLU A 13 10.42 20.01 4.98
C GLU A 13 9.21 19.70 4.10
N ASP A 14 9.01 18.44 3.75
CA ASP A 14 7.80 18.04 3.02
CA ASP A 14 7.78 18.03 3.05
C ASP A 14 6.55 18.30 3.88
N MET A 15 6.62 17.95 5.18
CA MET A 15 5.47 18.14 6.05
C MET A 15 5.16 19.65 6.11
N LEU A 16 6.22 20.46 6.16
CA LEU A 16 6.01 21.94 6.22
C LEU A 16 5.41 22.50 4.94
N ASP A 17 5.50 21.77 3.84
CA ASP A 17 4.88 22.26 2.61
C ASP A 17 3.39 21.91 2.53
N TYR A 18 2.94 21.06 3.44
CA TYR A 18 1.53 20.58 3.39
C TYR A 18 0.86 20.67 4.73
N GLU A 19 1.14 21.75 5.49
CA GLU A 19 0.60 21.83 6.84
C GLU A 19 -0.91 21.76 6.93
N GLU A 20 -1.59 22.50 6.08
CA GLU A 20 -3.03 22.58 6.20
C GLU A 20 -3.67 21.25 5.84
N GLU A 21 -3.17 20.63 4.78
CA GLU A 21 -3.62 19.29 4.34
C GLU A 21 -3.38 18.26 5.44
N LEU A 22 -2.23 18.35 6.13
CA LEU A 22 -1.90 17.35 7.15
C LEU A 22 -2.54 17.66 8.55
N ARG A 23 -3.15 18.84 8.61
N ARG A 23 -3.17 18.82 8.69
CA ARG A 23 -3.76 19.40 9.81
CA ARG A 23 -3.77 19.22 9.97
C ARG A 23 -2.76 19.51 10.97
C ARG A 23 -2.73 19.47 11.05
N ILE A 24 -1.59 20.03 10.64
CA ILE A 24 -0.56 20.35 11.62
C ILE A 24 -0.24 21.85 11.56
N GLU A 25 0.56 22.32 12.53
CA GLU A 25 0.91 23.75 12.60
C GLU A 25 2.35 23.88 13.08
N SER A 26 3.15 24.64 12.38
CA SER A 26 4.53 24.87 12.81
C SER A 26 4.73 26.30 13.34
N LYS A 27 5.74 26.49 14.19
CA LYS A 27 6.17 27.87 14.60
C LYS A 27 7.69 27.89 14.58
N LYS A 28 8.25 29.00 14.09
CA LYS A 28 9.71 29.23 14.26
C LYS A 28 9.94 30.01 15.58
N LEU A 29 10.61 29.41 16.54
CA LEU A 29 10.92 30.16 17.78
C LEU A 29 11.95 31.31 17.58
N GLU A 30 12.14 32.08 18.65
CA GLU A 30 13.11 33.18 18.69
C GLU A 30 14.54 32.80 18.31
N ASN A 31 15.01 31.67 18.86
CA ASN A 31 16.31 31.13 18.48
C ASN A 31 16.33 30.44 17.09
N GLY A 32 15.18 30.39 16.38
CA GLY A 32 15.16 29.79 15.03
C GLY A 32 14.72 28.32 15.00
N ALA A 33 14.59 27.68 16.15
CA ALA A 33 14.15 26.29 16.18
C ALA A 33 12.71 26.21 15.59
N ILE A 34 12.46 25.14 14.84
CA ILE A 34 11.16 24.95 14.18
C ILE A 34 10.38 23.91 14.99
N VAL A 35 9.29 24.34 15.63
CA VAL A 35 8.45 23.45 16.40
C VAL A 35 7.18 23.13 15.57
N VAL A 36 7.05 21.84 15.22
CA VAL A 36 5.86 21.37 14.44
C VAL A 36 4.86 20.62 15.33
N ASP A 37 3.76 21.31 15.65
CA ASP A 37 2.72 20.70 16.42
C ASP A 37 1.94 19.68 15.54
N CYS A 38 2.00 18.42 15.90
CA CYS A 38 1.30 17.34 15.11
C CYS A 38 0.13 16.79 15.92
N GLY A 39 -0.23 17.41 17.05
CA GLY A 39 -1.34 16.81 17.75
C GLY A 39 -1.73 17.44 19.07
N VAL A 40 -1.02 18.51 19.43
CA VAL A 40 -1.27 19.11 20.79
C VAL A 40 -2.45 20.09 20.66
N ASN A 41 -2.32 21.13 19.81
CA ASN A 41 -3.44 22.07 19.60
C ASN A 41 -4.13 21.94 18.25
N VAL A 42 -3.80 20.86 17.57
CA VAL A 42 -4.27 20.64 16.19
C VAL A 42 -4.64 19.15 16.12
N PRO A 43 -5.41 18.74 15.09
CA PRO A 43 -5.91 17.36 15.01
C PRO A 43 -4.81 16.40 14.52
N GLY A 44 -3.88 16.88 13.70
CA GLY A 44 -3.00 15.99 12.90
C GLY A 44 -3.87 15.10 11.98
N SER A 45 -3.30 13.98 11.54
CA SER A 45 -3.93 13.20 10.43
C SER A 45 -3.23 11.91 10.32
N TYR A 46 -3.85 10.97 9.61
CA TYR A 46 -3.15 9.72 9.34
C TYR A 46 -1.83 9.96 8.59
N ASP A 47 -1.85 10.83 7.58
CA ASP A 47 -0.63 11.08 6.82
C ASP A 47 0.43 11.79 7.67
N ALA A 48 -0.02 12.65 8.57
CA ALA A 48 0.96 13.28 9.51
C ALA A 48 1.56 12.21 10.38
N GLY A 49 0.74 11.23 10.77
CA GLY A 49 1.19 10.10 11.63
C GLY A 49 2.23 9.26 10.86
N ILE A 50 1.95 8.97 9.58
CA ILE A 50 2.95 8.18 8.80
C ILE A 50 4.29 8.96 8.69
N MET A 51 4.21 10.27 8.41
CA MET A 51 5.42 11.04 8.20
C MET A 51 6.19 11.17 9.53
N TYR A 52 5.45 11.28 10.61
CA TYR A 52 6.11 11.37 11.97
C TYR A 52 6.84 10.04 12.23
N THR A 53 6.18 8.93 11.89
CA THR A 53 6.78 7.59 12.02
C THR A 53 8.01 7.48 11.12
N GLN A 54 7.89 7.89 9.83
CA GLN A 54 9.03 7.82 8.93
C GLN A 54 10.22 8.60 9.53
N VAL A 55 9.94 9.78 10.08
CA VAL A 55 11.01 10.68 10.66
C VAL A 55 11.63 9.98 11.88
N CYS A 56 10.80 9.34 12.70
CA CYS A 56 11.33 8.57 13.84
C CYS A 56 12.28 7.49 13.39
N MET A 57 11.98 6.88 12.24
CA MET A 57 12.88 5.82 11.76
C MET A 57 14.00 6.33 10.90
N GLY A 58 14.26 7.64 10.94
CA GLY A 58 15.40 8.19 10.22
C GLY A 58 15.28 8.24 8.72
N GLY A 59 14.03 8.20 8.20
CA GLY A 59 13.82 8.03 6.76
C GLY A 59 14.36 6.69 6.21
N LEU A 60 14.59 5.71 7.06
CA LEU A 60 15.22 4.46 6.58
C LEU A 60 14.19 3.30 6.59
N ALA A 61 12.90 3.65 6.52
CA ALA A 61 11.90 2.60 6.58
C ALA A 61 10.81 2.99 5.65
N ASP A 62 10.04 2.00 5.22
N ASP A 62 10.06 2.04 5.14
CA ASP A 62 8.77 2.25 4.53
CA ASP A 62 8.79 2.41 4.46
C ASP A 62 7.64 2.13 5.53
C ASP A 62 7.64 2.12 5.40
N VAL A 63 6.70 3.09 5.50
CA VAL A 63 5.59 3.04 6.43
C VAL A 63 4.36 3.40 5.61
N ASP A 64 3.37 2.55 5.70
CA ASP A 64 2.08 2.84 5.11
C ASP A 64 0.91 2.37 5.96
N ILE A 65 -0.31 2.81 5.58
CA ILE A 65 -1.52 2.40 6.29
C ILE A 65 -2.43 1.62 5.32
N VAL A 66 -2.96 0.50 5.82
CA VAL A 66 -3.92 -0.32 5.05
CA VAL A 66 -3.91 -0.32 5.06
C VAL A 66 -5.08 -0.62 5.99
N VAL A 67 -6.30 -0.62 5.45
CA VAL A 67 -7.42 -0.94 6.29
C VAL A 67 -7.71 -2.43 6.19
N ASP A 68 -7.98 -3.08 7.31
CA ASP A 68 -8.25 -4.54 7.26
C ASP A 68 -9.11 -4.87 8.50
N THR A 69 -9.35 -6.14 8.79
CA THR A 69 -10.29 -6.42 9.86
C THR A 69 -9.64 -7.38 10.89
N ILE A 70 -10.16 -7.34 12.11
CA ILE A 70 -9.83 -8.29 13.15
C ILE A 70 -11.17 -8.85 13.62
N ASN A 71 -11.38 -10.17 13.55
CA ASN A 71 -12.70 -10.71 13.78
C ASN A 71 -13.84 -9.84 13.12
N ASP A 72 -13.60 -9.45 11.87
CA ASP A 72 -14.50 -8.64 11.04
C ASP A 72 -14.64 -7.17 11.42
N VAL A 73 -14.01 -6.74 12.51
CA VAL A 73 -14.10 -5.33 12.91
C VAL A 73 -13.01 -4.58 12.13
N PRO A 74 -13.39 -3.52 11.42
CA PRO A 74 -12.43 -2.77 10.62
C PRO A 74 -11.50 -1.91 11.48
N PHE A 75 -10.19 -1.93 11.17
CA PHE A 75 -9.22 -1.05 11.78
C PHE A 75 -8.26 -0.59 10.66
N ALA A 76 -7.61 0.54 10.93
CA ALA A 76 -6.49 0.99 10.11
C ALA A 76 -5.25 0.26 10.72
N PHE A 77 -4.38 -0.28 9.89
CA PHE A 77 -3.13 -0.96 10.31
C PHE A 77 -1.95 -0.23 9.77
N VAL A 78 -0.84 -0.21 10.52
CA VAL A 78 0.45 0.10 9.96
C VAL A 78 1.08 -1.15 9.37
N THR A 79 1.60 -1.01 8.14
CA THR A 79 2.43 -2.03 7.52
C THR A 79 3.74 -1.31 7.25
N GLU A 80 4.86 -1.91 7.67
CA GLU A 80 6.17 -1.23 7.54
C GLU A 80 7.32 -2.21 7.39
N TYR A 81 8.46 -1.73 6.92
CA TYR A 81 9.64 -2.59 6.80
C TYR A 81 10.88 -1.72 6.75
N THR A 82 12.02 -2.32 7.10
CA THR A 82 13.27 -1.58 6.95
C THR A 82 14.39 -2.56 6.67
N ASP A 83 15.39 -2.09 5.94
CA ASP A 83 16.62 -2.83 5.77
C ASP A 83 17.80 -2.17 6.49
N HIS A 84 17.49 -1.35 7.50
CA HIS A 84 18.52 -0.76 8.43
C HIS A 84 17.97 -0.85 9.81
N PRO A 85 17.67 -2.07 10.28
CA PRO A 85 16.87 -2.14 11.48
C PRO A 85 17.62 -1.63 12.72
N ALA A 86 18.94 -1.82 12.77
CA ALA A 86 19.68 -1.29 13.96
C ALA A 86 19.68 0.24 13.98
N ILE A 87 20.01 0.86 12.87
CA ILE A 87 20.04 2.32 12.76
C ILE A 87 18.63 2.91 12.92
N ALA A 88 17.65 2.37 12.14
CA ALA A 88 16.32 2.98 12.10
C ALA A 88 15.61 2.82 13.42
N CYS A 89 15.69 1.63 14.02
CA CYS A 89 14.90 1.33 15.18
C CYS A 89 15.60 1.72 16.47
N LEU A 90 16.88 1.37 16.60
CA LEU A 90 17.56 1.63 17.91
C LEU A 90 18.34 2.88 17.87
N GLY A 91 18.97 3.17 16.74
CA GLY A 91 19.73 4.39 16.60
C GLY A 91 18.86 5.61 16.40
N SER A 92 17.58 5.41 16.03
CA SER A 92 16.72 6.59 15.79
C SER A 92 15.39 6.44 16.50
N GLN A 93 14.63 5.39 16.14
CA GLN A 93 13.22 5.37 16.55
C GLN A 93 12.91 5.28 18.05
N LYS A 94 13.68 4.43 18.78
CA LYS A 94 13.35 4.11 20.18
C LYS A 94 13.29 5.42 20.99
N ALA A 95 12.42 5.53 21.95
CA ALA A 95 12.30 6.84 22.61
C ALA A 95 13.39 6.81 23.77
N GLY A 96 14.65 6.88 23.36
CA GLY A 96 15.77 6.65 24.34
C GLY A 96 16.30 7.93 24.96
N TRP A 97 15.66 9.07 24.66
CA TRP A 97 16.06 10.38 25.21
C TRP A 97 14.98 10.99 26.10
N GLN A 98 15.19 10.86 27.40
CA GLN A 98 14.26 11.47 28.36
C GLN A 98 14.57 12.96 28.48
N ILE A 99 13.62 13.80 28.12
CA ILE A 99 13.81 15.23 28.07
C ILE A 99 13.23 15.81 29.37
N LYS A 100 14.04 16.51 30.14
CA LYS A 100 13.57 17.13 31.39
C LYS A 100 14.27 18.46 31.50
N VAL A 101 13.53 19.53 31.27
CA VAL A 101 14.05 20.88 31.28
C VAL A 101 13.13 21.71 32.18
N ASP A 102 13.59 22.03 33.40
CA ASP A 102 12.73 22.56 34.46
C ASP A 102 11.49 21.71 34.69
N LYS A 103 10.32 22.28 34.41
CA LYS A 103 9.06 21.56 34.53
C LYS A 103 8.63 20.78 33.26
N TYR A 104 9.34 20.99 32.14
CA TYR A 104 8.98 20.33 30.85
C TYR A 104 9.54 18.90 30.80
N PHE A 105 8.65 17.92 30.63
CA PHE A 105 9.03 16.49 30.45
C PHE A 105 8.55 16.02 29.07
N ALA A 106 9.37 15.30 28.34
CA ALA A 106 8.87 14.62 27.13
C ALA A 106 9.71 13.37 26.87
N MET A 107 9.12 12.37 26.22
CA MET A 107 9.87 11.23 25.69
C MET A 107 10.39 11.64 24.31
N GLY A 108 11.72 11.58 24.09
CA GLY A 108 12.26 12.09 22.81
C GLY A 108 12.71 10.88 22.00
N SER A 109 12.31 10.84 20.72
CA SER A 109 12.66 9.78 19.78
C SER A 109 13.25 10.46 18.60
N GLY A 110 13.83 9.68 17.67
CA GLY A 110 14.14 10.22 16.39
C GLY A 110 15.60 10.49 16.19
N PRO A 111 15.93 11.02 15.02
CA PRO A 111 17.30 11.09 14.58
C PRO A 111 18.22 11.97 15.47
N ALA A 112 17.68 12.98 16.16
CA ALA A 112 18.56 13.82 17.08
C ALA A 112 19.25 12.97 18.11
N ARG A 113 18.61 11.89 18.53
CA ARG A 113 19.28 10.91 19.38
C ARG A 113 20.70 10.44 18.92
N ALA A 114 20.93 10.40 17.60
CA ALA A 114 22.16 9.93 16.98
C ALA A 114 23.20 11.05 16.85
N LEU A 115 22.82 12.27 17.26
CA LEU A 115 23.71 13.41 17.34
C LEU A 115 24.09 13.65 18.80
N ALA A 116 23.11 13.52 19.69
CA ALA A 116 23.38 13.67 21.13
C ALA A 116 23.87 12.38 21.76
N LEU A 117 23.75 11.29 21.00
CA LEU A 117 24.10 9.96 21.45
C LEU A 117 23.42 9.60 22.73
N LYS A 118 22.13 9.31 22.64
CA LYS A 118 21.29 9.09 23.79
C LYS A 118 20.52 7.83 23.57
N PRO A 119 20.78 6.75 24.35
CA PRO A 119 21.92 6.63 25.34
C PRO A 119 23.21 6.26 24.63
N LYS A 120 24.37 6.49 25.24
CA LYS A 120 25.60 6.27 24.53
C LYS A 120 25.78 4.83 24.18
N LYS A 121 25.32 3.89 25.00
CA LYS A 121 25.70 2.50 24.82
C LYS A 121 25.06 1.96 23.50
N THR A 122 23.98 2.63 23.08
CA THR A 122 23.28 2.15 21.91
C THR A 122 24.16 2.38 20.72
N TYR A 123 24.77 3.56 20.64
CA TYR A 123 25.61 3.92 19.49
C TYR A 123 26.89 3.10 19.41
N GLU A 124 27.33 2.64 20.58
CA GLU A 124 28.46 1.72 20.69
C GLU A 124 28.01 0.32 20.23
N ARG A 125 26.83 -0.12 20.67
CA ARG A 125 26.32 -1.41 20.25
C ARG A 125 26.04 -1.51 18.71
N ILE A 126 25.53 -0.44 18.10
CA ILE A 126 25.14 -0.61 16.70
C ILE A 126 26.23 -0.11 15.80
N GLU A 127 27.26 0.54 16.40
CA GLU A 127 28.32 1.17 15.63
C GLU A 127 27.84 2.21 14.59
N TYR A 128 27.11 3.24 15.05
CA TYR A 128 26.59 4.25 14.14
C TYR A 128 26.75 5.61 14.79
N GLU A 129 27.20 6.61 14.04
CA GLU A 129 26.98 7.98 14.46
C GLU A 129 26.74 8.92 13.29
N ASP A 130 25.90 9.94 13.49
CA ASP A 130 25.57 10.83 12.45
C ASP A 130 26.49 12.02 12.46
N ASP A 131 26.61 12.74 11.36
CA ASP A 131 27.54 13.86 11.33
C ASP A 131 26.88 15.09 10.74
N ALA A 132 25.56 15.12 10.81
CA ALA A 132 24.78 16.22 10.27
C ALA A 132 24.89 17.50 11.10
N ASP A 133 24.64 18.62 10.44
CA ASP A 133 24.56 19.87 11.18
C ASP A 133 23.09 20.39 11.04
N VAL A 134 22.18 19.42 11.04
CA VAL A 134 20.73 19.63 11.24
C VAL A 134 20.30 18.54 12.24
N ALA A 135 19.33 18.86 13.09
CA ALA A 135 18.87 17.87 14.09
C ALA A 135 17.33 17.81 14.05
N VAL A 136 16.80 16.61 14.17
CA VAL A 136 15.33 16.39 14.04
C VAL A 136 14.95 15.52 15.19
N ILE A 137 14.12 16.02 16.08
CA ILE A 137 13.65 15.20 17.20
C ILE A 137 12.09 15.06 17.19
N ALA A 138 11.60 13.95 17.73
CA ALA A 138 10.15 13.66 17.83
C ALA A 138 9.82 13.55 19.30
N LEU A 139 8.96 14.45 19.76
CA LEU A 139 8.62 14.47 21.18
C LEU A 139 7.21 13.95 21.41
N GLU A 140 7.07 12.98 22.30
CA GLU A 140 5.76 12.54 22.70
C GLU A 140 5.42 13.29 24.01
N ALA A 141 4.46 14.21 23.92
CA ALA A 141 4.28 15.19 25.01
C ALA A 141 2.93 15.85 24.80
N ASN A 142 2.31 16.29 25.90
CA ASN A 142 1.06 17.03 25.81
C ASN A 142 1.25 18.55 25.85
N GLN A 143 2.49 19.03 25.76
CA GLN A 143 2.73 20.45 25.55
C GLN A 143 3.90 20.64 24.61
N LEU A 144 3.89 21.77 23.93
CA LEU A 144 4.88 22.15 22.94
C LEU A 144 6.11 22.70 23.65
N PRO A 145 7.32 22.29 23.19
CA PRO A 145 8.54 22.77 23.85
C PRO A 145 8.77 24.23 23.50
N ASP A 146 9.34 25.01 24.45
CA ASP A 146 9.63 26.45 24.17
C ASP A 146 11.10 26.72 23.77
N GLU A 147 11.44 27.99 23.64
CA GLU A 147 12.80 28.42 23.23
C GLU A 147 13.89 27.72 24.06
N LYS A 148 13.67 27.58 25.37
CA LYS A 148 14.68 27.04 26.29
C LYS A 148 14.86 25.55 26.10
N VAL A 149 13.74 24.83 25.92
CA VAL A 149 13.80 23.41 25.63
C VAL A 149 14.56 23.20 24.31
N MET A 150 14.25 23.98 23.28
CA MET A 150 14.89 23.73 22.00
CA MET A 150 14.89 23.78 21.97
C MET A 150 16.38 24.13 22.01
N GLU A 151 16.73 25.10 22.85
CA GLU A 151 18.11 25.49 23.06
C GLU A 151 18.93 24.30 23.65
N PHE A 152 18.34 23.60 24.60
CA PHE A 152 18.95 22.51 25.25
C PHE A 152 19.15 21.38 24.24
N ILE A 153 18.08 21.01 23.54
CA ILE A 153 18.24 20.00 22.48
C ILE A 153 19.29 20.34 21.41
N ALA A 154 19.33 21.58 20.90
CA ALA A 154 20.30 21.99 19.91
C ALA A 154 21.75 21.84 20.48
N LYS A 155 22.01 22.45 21.63
CA LYS A 155 23.30 22.25 22.32
C LYS A 155 23.75 20.76 22.49
N GLU A 156 22.92 19.90 23.08
CA GLU A 156 23.21 18.47 23.15
C GLU A 156 23.56 17.82 21.82
N CYS A 157 23.02 18.33 20.70
CA CYS A 157 23.33 17.76 19.38
C CYS A 157 24.44 18.47 18.67
N ASP A 158 24.97 19.56 19.26
CA ASP A 158 26.05 20.34 18.63
C ASP A 158 25.61 21.02 17.34
N VAL A 159 24.37 21.53 17.34
CA VAL A 159 23.82 22.19 16.13
C VAL A 159 23.27 23.49 16.70
N ASP A 160 23.29 24.53 15.87
CA ASP A 160 22.61 25.82 16.11
C ASP A 160 21.09 25.53 16.25
N PRO A 161 20.39 26.24 17.18
CA PRO A 161 18.94 26.05 17.23
C PRO A 161 18.25 26.40 15.93
N GLU A 162 18.84 27.26 15.10
CA GLU A 162 18.22 27.56 13.79
C GLU A 162 18.12 26.30 12.90
N ASN A 163 18.85 25.24 13.26
CA ASN A 163 18.90 24.05 12.42
C ASN A 163 18.30 22.88 13.16
N VAL A 164 17.42 23.15 14.11
CA VAL A 164 16.76 22.04 14.85
C VAL A 164 15.27 22.07 14.51
N TYR A 165 14.68 20.89 14.29
CA TYR A 165 13.20 20.72 14.11
C TYR A 165 12.73 19.80 15.21
N ALA A 166 11.54 20.05 15.77
CA ALA A 166 10.90 19.12 16.65
C ALA A 166 9.48 18.84 16.15
N LEU A 167 9.11 17.56 16.12
CA LEU A 167 7.71 17.13 15.81
C LEU A 167 7.10 16.77 17.12
N VAL A 168 5.86 17.16 17.40
CA VAL A 168 5.36 16.93 18.72
C VAL A 168 3.94 16.43 18.66
N ALA A 169 3.65 15.35 19.39
CA ALA A 169 2.25 14.84 19.52
C ALA A 169 2.01 14.14 20.82
N PRO A 170 0.82 14.34 21.43
CA PRO A 170 0.56 13.58 22.64
C PRO A 170 0.20 12.14 22.36
N THR A 171 0.26 11.30 23.40
CA THR A 171 -0.06 9.88 23.25
C THR A 171 -1.50 9.68 22.76
N ALA A 172 -2.46 10.47 23.29
CA ALA A 172 -3.84 10.37 22.83
C ALA A 172 -4.03 11.37 21.68
N SER A 173 -3.73 10.93 20.46
CA SER A 173 -3.90 11.74 19.26
C SER A 173 -3.77 10.74 18.11
N ILE A 174 -4.28 11.10 16.93
CA ILE A 174 -4.05 10.19 15.78
C ILE A 174 -2.61 10.04 15.49
N VAL A 175 -1.82 11.12 15.58
CA VAL A 175 -0.37 10.97 15.29
C VAL A 175 0.26 10.04 16.33
N GLY A 176 -0.15 10.20 17.60
CA GLY A 176 0.25 9.26 18.69
C GLY A 176 -0.07 7.81 18.35
N SER A 177 -1.31 7.51 18.00
CA SER A 177 -1.70 6.13 17.73
C SER A 177 -0.90 5.56 16.54
N VAL A 178 -0.79 6.33 15.45
CA VAL A 178 -0.04 5.85 14.27
C VAL A 178 1.44 5.59 14.64
N GLN A 179 2.07 6.59 15.25
CA GLN A 179 3.50 6.52 15.48
C GLN A 179 3.84 5.42 16.44
N ILE A 180 2.96 5.14 17.40
CA ILE A 180 3.30 4.13 18.38
C ILE A 180 3.13 2.74 17.77
N SER A 181 2.03 2.53 17.00
CA SER A 181 1.93 1.22 16.29
C SER A 181 3.01 1.07 15.26
N GLY A 182 3.47 2.20 14.77
CA GLY A 182 4.62 2.34 13.84
C GLY A 182 5.95 1.87 14.45
N ARG A 183 5.95 1.57 15.74
CA ARG A 183 7.16 0.98 16.41
C ARG A 183 7.13 -0.53 16.47
N ILE A 184 6.27 -1.19 15.67
CA ILE A 184 6.13 -2.64 15.79
C ILE A 184 7.46 -3.36 15.43
N VAL A 185 8.17 -2.95 14.37
CA VAL A 185 9.48 -3.59 14.08
C VAL A 185 10.44 -3.23 15.25
N GLN A 186 10.45 -1.96 15.68
CA GLN A 186 11.41 -1.53 16.66
C GLN A 186 11.21 -2.33 17.96
N THR A 187 9.98 -2.73 18.26
CA THR A 187 9.73 -3.43 19.53
CA THR A 187 9.74 -3.44 19.53
C THR A 187 10.40 -4.81 19.54
N ALA A 188 10.36 -5.46 18.39
CA ALA A 188 11.12 -6.68 18.20
C ALA A 188 12.64 -6.46 18.34
N ILE A 189 13.21 -5.44 17.67
CA ILE A 189 14.67 -5.23 17.58
C ILE A 189 15.17 -4.87 18.99
N PHE A 190 14.41 -4.02 19.65
CA PHE A 190 14.71 -3.60 21.05
C PHE A 190 14.70 -4.75 22.06
N LYS A 191 13.66 -5.59 22.02
CA LYS A 191 13.59 -6.76 22.86
C LYS A 191 14.74 -7.72 22.52
N MET A 192 15.04 -7.92 21.23
CA MET A 192 16.15 -8.77 20.85
C MET A 192 17.45 -8.32 21.53
N ASN A 193 17.75 -7.02 21.47
CA ASN A 193 18.95 -6.48 22.09
C ASN A 193 18.90 -6.66 23.60
N GLU A 194 17.71 -6.45 24.19
CA GLU A 194 17.48 -6.60 25.64
C GLU A 194 17.86 -7.96 26.19
N ILE A 195 17.54 -9.01 25.44
CA ILE A 195 17.90 -10.38 25.84
C ILE A 195 19.30 -10.81 25.36
N GLY A 196 20.08 -9.87 24.85
CA GLY A 196 21.48 -10.12 24.55
C GLY A 196 21.82 -10.48 23.12
N TYR A 197 20.88 -10.32 22.18
CA TYR A 197 21.13 -10.69 20.80
C TYR A 197 21.70 -9.49 20.09
N ASP A 198 22.84 -9.65 19.43
CA ASP A 198 23.54 -8.52 18.81
C ASP A 198 22.64 -7.95 17.69
N PRO A 199 22.20 -6.67 17.78
CA PRO A 199 21.28 -6.13 16.73
C PRO A 199 22.01 -5.99 15.42
N LYS A 200 23.33 -6.02 15.48
CA LYS A 200 24.15 -5.99 14.27
C LYS A 200 23.98 -7.25 13.38
N LEU A 201 23.37 -8.32 13.92
CA LEU A 201 23.15 -9.58 13.21
C LEU A 201 21.82 -9.48 12.44
N ILE A 202 21.11 -8.37 12.66
CA ILE A 202 19.73 -8.29 12.08
C ILE A 202 19.78 -7.62 10.72
N VAL A 203 19.30 -8.33 9.71
CA VAL A 203 19.42 -7.92 8.34
C VAL A 203 18.24 -6.99 7.98
N SER A 204 17.04 -7.40 8.32
CA SER A 204 15.88 -6.58 7.97
C SER A 204 14.69 -6.99 8.80
N GLY A 205 13.63 -6.13 8.83
CA GLY A 205 12.43 -6.50 9.48
C GLY A 205 11.21 -5.80 8.87
N ALA A 206 10.10 -6.51 8.97
CA ALA A 206 8.81 -6.10 8.35
C ALA A 206 7.71 -6.41 9.39
N GLY A 207 6.78 -5.46 9.60
CA GLY A 207 5.78 -5.63 10.65
C GLY A 207 4.43 -5.03 10.26
N ARG A 208 3.41 -5.51 10.95
CA ARG A 208 2.02 -5.09 10.82
C ARG A 208 1.49 -4.92 12.21
N CYS A 209 0.71 -3.86 12.42
CA CYS A 209 0.14 -3.66 13.75
C CYS A 209 -1.10 -2.75 13.60
N PRO A 210 -2.23 -3.15 14.20
CA PRO A 210 -3.36 -2.25 14.14
C PRO A 210 -3.10 -0.90 14.85
N ILE A 211 -3.72 0.13 14.31
CA ILE A 211 -3.68 1.46 14.90
C ILE A 211 -4.78 1.63 15.96
N SER A 212 -4.37 1.96 17.16
CA SER A 212 -5.31 2.05 18.25
C SER A 212 -6.28 3.18 18.04
N PRO A 213 -7.57 2.97 18.42
CA PRO A 213 -8.49 4.10 18.53
C PRO A 213 -7.96 5.00 19.60
N ILE A 214 -8.37 6.25 19.52
CA ILE A 214 -7.97 7.26 20.49
C ILE A 214 -8.86 7.13 21.71
N LEU A 215 -8.22 6.88 22.87
CA LEU A 215 -8.95 6.76 24.13
C LEU A 215 -8.99 8.14 24.81
N GLU A 216 -9.67 8.17 25.95
CA GLU A 216 -10.22 9.41 26.45
C GLU A 216 -9.18 10.26 27.19
N ASN A 217 -7.98 9.70 27.44
CA ASN A 217 -6.84 10.54 27.93
C ASN A 217 -5.48 9.88 27.60
N ASP A 218 -4.38 10.63 27.78
CA ASP A 218 -3.00 10.14 27.46
C ASP A 218 -2.62 8.86 28.20
N LEU A 219 -3.22 8.64 29.37
CA LEU A 219 -2.86 7.50 30.22
C LEU A 219 -3.49 6.19 29.72
N LYS A 220 -4.79 6.23 29.47
CA LYS A 220 -5.46 5.12 28.82
C LYS A 220 -4.85 4.86 27.41
N ALA A 221 -4.48 5.93 26.71
CA ALA A 221 -3.91 5.81 25.37
C ALA A 221 -2.51 5.16 25.43
N MET A 222 -1.79 5.35 26.54
CA MET A 222 -0.49 4.74 26.63
C MET A 222 -0.68 3.24 26.65
N GLY A 223 -1.78 2.82 27.27
CA GLY A 223 -2.09 1.39 27.42
C GLY A 223 -2.50 0.78 26.07
N SER A 224 -3.45 1.41 25.40
N SER A 224 -3.44 1.46 25.42
CA SER A 224 -4.00 0.79 24.20
CA SER A 224 -4.04 0.97 24.20
C SER A 224 -3.02 0.88 23.01
C SER A 224 -3.04 0.90 23.06
N THR A 225 -2.30 1.99 22.86
CA THR A 225 -1.33 2.09 21.78
C THR A 225 -0.27 0.98 21.96
N ASN A 226 0.18 0.77 23.19
CA ASN A 226 1.17 -0.26 23.42
C ASN A 226 0.66 -1.67 23.30
N ASP A 227 -0.58 -1.92 23.68
CA ASP A 227 -1.18 -3.23 23.57
C ASP A 227 -1.34 -3.66 22.13
N SER A 228 -1.47 -2.67 21.24
CA SER A 228 -1.50 -2.94 19.78
C SER A 228 -0.35 -3.87 19.44
N MET A 229 0.85 -3.53 19.94
CA MET A 229 2.07 -4.23 19.51
C MET A 229 2.15 -5.50 20.35
N MET A 230 1.95 -5.35 21.66
CA MET A 230 2.15 -6.53 22.58
C MET A 230 1.13 -7.67 22.37
N TYR A 231 -0.09 -7.33 21.96
CA TYR A 231 -1.15 -8.31 21.75
C TYR A 231 -1.62 -8.55 20.29
N TYR A 232 -1.20 -7.69 19.36
CA TYR A 232 -1.62 -7.94 17.93
C TYR A 232 -0.59 -7.46 16.89
N GLY A 233 0.66 -7.30 17.33
CA GLY A 233 1.76 -6.91 16.45
C GLY A 233 2.55 -8.07 15.95
N SER A 234 2.76 -8.12 14.61
CA SER A 234 3.43 -9.25 13.94
C SER A 234 4.70 -8.80 13.24
N VAL A 235 5.80 -9.53 13.39
CA VAL A 235 7.02 -9.12 12.76
C VAL A 235 7.70 -10.25 12.03
N PHE A 236 8.10 -10.03 10.78
CA PHE A 236 8.99 -10.92 10.04
C PHE A 236 10.37 -10.33 10.01
N LEU A 237 11.38 -11.10 10.48
CA LEU A 237 12.73 -10.58 10.66
C LEU A 237 13.65 -11.51 9.93
N THR A 238 14.72 -10.95 9.39
CA THR A 238 15.82 -11.74 8.82
C THR A 238 17.11 -11.50 9.64
N VAL A 239 17.83 -12.58 9.97
CA VAL A 239 19.05 -12.43 10.81
C VAL A 239 20.13 -13.29 10.16
N LYS A 240 21.38 -12.98 10.49
CA LYS A 240 22.57 -13.66 9.89
C LYS A 240 22.74 -15.02 10.55
N LYS A 241 22.46 -15.09 11.84
CA LYS A 241 22.61 -16.35 12.59
C LYS A 241 21.57 -16.40 13.67
N TYR A 242 20.88 -17.51 13.75
CA TYR A 242 19.85 -17.68 14.75
C TYR A 242 20.49 -17.99 16.10
N ASP A 243 19.77 -17.71 17.18
CA ASP A 243 20.14 -18.07 18.55
C ASP A 243 18.85 -18.50 19.22
N GLU A 244 18.87 -19.65 19.89
CA GLU A 244 17.68 -20.15 20.55
C GLU A 244 17.05 -19.20 21.60
N ILE A 245 17.82 -18.21 22.10
CA ILE A 245 17.31 -17.30 23.10
C ILE A 245 16.17 -16.48 22.46
N LEU A 246 16.16 -16.39 21.14
CA LEU A 246 15.13 -15.57 20.49
C LEU A 246 13.73 -16.11 20.74
N LYS A 247 13.61 -17.37 21.20
CA LYS A 247 12.28 -17.88 21.62
C LYS A 247 11.59 -17.00 22.70
N ASN A 248 12.38 -16.13 23.36
CA ASN A 248 11.88 -15.23 24.42
C ASN A 248 11.62 -13.80 23.98
N VAL A 249 11.61 -13.61 22.67
CA VAL A 249 11.22 -12.29 22.17
C VAL A 249 9.74 -11.94 22.45
N PRO A 250 8.80 -12.87 22.20
CA PRO A 250 7.38 -12.49 22.26
C PRO A 250 6.89 -12.09 23.62
N SER A 251 5.90 -11.20 23.62
CA SER A 251 5.40 -10.64 24.87
C SER A 251 4.87 -11.76 25.75
N CYS A 252 4.34 -12.81 25.13
CA CYS A 252 3.69 -13.87 25.88
C CYS A 252 4.67 -14.74 26.68
N THR A 253 5.97 -14.41 26.62
CA THR A 253 6.99 -15.14 27.41
C THR A 253 7.33 -14.35 28.70
N SER A 254 6.66 -13.21 28.87
CA SER A 254 6.83 -12.40 30.07
C SER A 254 5.85 -12.80 31.15
N ARG A 255 6.37 -12.84 32.38
CA ARG A 255 5.54 -13.06 33.57
C ARG A 255 4.25 -12.22 33.56
N ASP A 256 4.34 -10.98 33.11
CA ASP A 256 3.21 -10.03 33.22
C ASP A 256 2.18 -10.14 32.08
N TYR A 257 2.46 -11.01 31.09
CA TYR A 257 1.55 -11.16 29.92
C TYR A 257 0.13 -11.49 30.36
N GLY A 258 -0.86 -10.85 29.72
CA GLY A 258 -2.27 -11.29 29.81
C GLY A 258 -3.35 -10.25 30.04
N LYS A 259 -2.95 -9.15 30.66
CA LYS A 259 -3.82 -8.03 30.95
C LYS A 259 -3.42 -6.79 30.11
N PRO A 260 -4.41 -5.91 29.77
CA PRO A 260 -4.02 -4.63 29.15
C PRO A 260 -2.94 -3.82 29.92
N PHE A 261 -1.90 -3.40 29.18
CA PHE A 261 -0.80 -2.51 29.58
C PHE A 261 -1.21 -1.27 30.38
N TYR A 262 -2.51 -1.01 30.45
CA TYR A 262 -2.99 0.10 31.29
C TYR A 262 -2.72 -0.18 32.80
N GLU A 263 -2.99 -1.42 33.23
CA GLU A 263 -2.60 -1.92 34.58
C GLU A 263 -1.09 -1.84 34.87
N ILE A 264 -0.29 -1.88 33.83
CA ILE A 264 1.16 -1.92 34.00
C ILE A 264 1.73 -0.49 34.03
N PHE A 265 1.02 0.46 33.42
CA PHE A 265 1.49 1.85 33.32
C PHE A 265 1.46 2.52 34.70
N LYS A 266 0.44 2.18 35.48
CA LYS A 266 0.29 2.51 36.93
C LYS A 266 1.42 1.96 37.82
N ALA A 267 1.66 0.64 37.72
CA ALA A 267 2.75 -0.04 38.45
C ALA A 267 4.16 0.38 37.97
N ALA A 268 4.22 1.58 37.42
CA ALA A 268 5.47 2.29 37.13
C ALA A 268 5.20 3.79 37.43
N ASN A 269 4.07 4.06 38.07
CA ASN A 269 3.67 5.41 38.49
C ASN A 269 3.40 6.42 37.35
N TYR A 270 2.90 5.92 36.21
CA TYR A 270 2.61 6.74 34.99
C TYR A 270 3.86 7.44 34.44
N ASP A 271 5.00 6.86 34.80
CA ASP A 271 6.32 7.19 34.29
C ASP A 271 6.69 6.05 33.32
N PHE A 272 6.76 6.42 32.04
CA PHE A 272 7.12 5.52 30.96
C PHE A 272 8.51 4.93 31.22
N TYR A 273 9.40 5.75 31.75
CA TYR A 273 10.78 5.35 31.99
C TYR A 273 10.98 4.60 33.32
N LYS A 274 9.88 4.20 33.95
CA LYS A 274 9.87 3.38 35.18
C LYS A 274 9.39 1.96 34.86
N ILE A 275 8.81 1.79 33.66
CA ILE A 275 8.28 0.51 33.20
C ILE A 275 9.41 -0.52 32.99
N ASP A 276 9.20 -1.74 33.48
CA ASP A 276 10.10 -2.85 33.18
C ASP A 276 10.25 -3.04 31.64
N PRO A 277 11.48 -2.89 31.11
CA PRO A 277 11.68 -2.98 29.64
C PRO A 277 11.58 -4.40 29.01
N ASN A 278 11.23 -5.43 29.79
CA ASN A 278 11.15 -6.79 29.27
C ASN A 278 9.73 -7.23 28.94
N LEU A 279 8.80 -6.32 29.17
CA LEU A 279 7.38 -6.57 28.91
C LEU A 279 7.09 -6.06 27.49
N PHE A 280 7.83 -5.00 27.14
CA PHE A 280 7.86 -4.29 25.84
C PHE A 280 8.35 -5.20 24.74
N ALA A 281 7.44 -5.83 24.01
CA ALA A 281 7.81 -6.89 23.07
C ALA A 281 6.69 -7.05 22.05
N PRO A 282 6.98 -7.64 20.87
CA PRO A 282 5.91 -7.84 19.89
C PRO A 282 5.07 -9.05 20.30
N ALA A 283 3.86 -9.14 19.80
CA ALA A 283 3.02 -10.34 19.97
C ALA A 283 3.61 -11.59 19.34
N GLN A 284 4.04 -11.50 18.07
CA GLN A 284 4.42 -12.68 17.33
C GLN A 284 5.54 -12.36 16.31
N ILE A 285 6.48 -13.29 16.14
CA ILE A 285 7.64 -13.08 15.27
C ILE A 285 7.89 -14.31 14.41
N ALA A 286 8.41 -14.04 13.22
CA ALA A 286 8.95 -15.09 12.35
C ALA A 286 10.38 -14.66 12.09
N VAL A 287 11.36 -15.53 12.42
CA VAL A 287 12.74 -15.18 12.27
C VAL A 287 13.38 -16.09 11.25
N ASN A 288 13.71 -15.52 10.09
CA ASN A 288 14.43 -16.18 9.03
C ASN A 288 15.91 -16.14 9.28
N ASP A 289 16.50 -17.34 9.49
CA ASP A 289 17.92 -17.44 9.77
C ASP A 289 18.71 -17.72 8.51
N LEU A 290 19.60 -16.82 8.11
CA LEU A 290 20.34 -17.02 6.86
C LEU A 290 21.31 -18.22 6.94
N GLU A 291 21.75 -18.54 8.14
CA GLU A 291 22.76 -19.58 8.28
C GLU A 291 22.20 -20.94 7.95
N THR A 292 21.10 -21.30 8.61
CA THR A 292 20.45 -22.57 8.41
C THR A 292 19.35 -22.55 7.37
N GLY A 293 18.92 -21.35 6.93
CA GLY A 293 17.82 -21.27 5.95
C GLY A 293 16.45 -21.63 6.54
N LYS A 294 16.37 -21.76 7.87
CA LYS A 294 15.11 -22.07 8.52
C LYS A 294 14.44 -20.78 8.98
N THR A 295 13.12 -20.85 9.12
CA THR A 295 12.35 -19.73 9.71
C THR A 295 11.55 -20.10 10.98
N TYR A 296 11.96 -19.50 12.09
CA TYR A 296 11.38 -19.87 13.35
C TYR A 296 10.32 -18.91 13.79
N VAL A 297 9.18 -19.45 14.16
CA VAL A 297 8.01 -18.66 14.56
C VAL A 297 7.77 -18.79 16.05
N HIS A 298 7.48 -17.66 16.70
CA HIS A 298 7.23 -17.64 18.15
C HIS A 298 6.17 -16.65 18.48
N GLY A 299 5.37 -16.94 19.52
CA GLY A 299 4.42 -15.93 20.03
C GLY A 299 3.04 -16.21 19.52
N LYS A 300 2.08 -15.25 19.64
CA LYS A 300 0.71 -15.53 19.20
C LYS A 300 -0.05 -14.23 19.28
N LEU A 301 -1.17 -14.16 18.57
CA LEU A 301 -2.01 -12.96 18.54
C LEU A 301 -3.08 -13.11 19.58
N ASN A 302 -3.59 -11.98 20.07
CA ASN A 302 -4.64 -12.01 21.09
C ASN A 302 -5.69 -10.92 20.94
N ALA A 303 -6.67 -11.25 20.08
CA ALA A 303 -7.74 -10.36 19.76
C ALA A 303 -8.60 -10.07 20.98
N GLU A 304 -8.75 -11.08 21.85
CA GLU A 304 -9.64 -10.85 23.00
C GLU A 304 -9.10 -9.78 23.94
N VAL A 305 -7.81 -9.84 24.25
CA VAL A 305 -7.20 -8.79 25.05
C VAL A 305 -7.16 -7.44 24.32
N LEU A 306 -6.83 -7.49 23.03
CA LEU A 306 -6.84 -6.27 22.22
C LEU A 306 -8.19 -5.56 22.28
N PHE A 307 -9.30 -6.27 22.10
CA PHE A 307 -10.63 -5.60 22.10
C PHE A 307 -10.93 -4.99 23.47
N GLN A 308 -10.45 -5.65 24.52
CA GLN A 308 -10.55 -5.01 25.84
C GLN A 308 -9.72 -3.74 25.96
N SER A 309 -8.44 -3.78 25.59
CA SER A 309 -7.62 -2.55 25.60
C SER A 309 -8.24 -1.42 24.78
N TYR A 310 -8.77 -1.79 23.63
CA TYR A 310 -9.37 -0.83 22.71
C TYR A 310 -10.76 -0.29 23.10
N GLN A 311 -11.38 -0.86 24.14
CA GLN A 311 -12.70 -0.41 24.63
C GLN A 311 -13.72 -0.51 23.54
N ILE A 312 -13.62 -1.66 22.87
CA ILE A 312 -14.59 -2.05 21.87
C ILE A 312 -15.94 -2.38 22.47
N VAL A 313 -16.98 -1.83 21.84
CA VAL A 313 -18.35 -2.08 22.20
C VAL A 313 -19.02 -2.71 21.02
N LEU A 314 -19.26 -4.02 21.14
CA LEU A 314 -20.01 -4.75 20.16
C LEU A 314 -21.46 -4.74 20.49
N GLU A 315 -22.28 -5.11 19.52
CA GLU A 315 -23.70 -5.20 19.75
C GLU A 315 -23.97 -6.56 20.39
N MET B 1 2.85 4.39 -28.70
CA MET B 1 3.76 3.19 -28.41
C MET B 1 4.51 3.50 -27.14
N LEU B 2 4.45 2.57 -26.20
CA LEU B 2 5.24 2.74 -24.95
C LEU B 2 6.61 2.10 -25.08
N SER B 3 7.61 2.63 -24.40
CA SER B 3 8.95 2.03 -24.47
C SER B 3 9.29 1.48 -23.10
N VAL B 4 9.26 0.15 -22.97
CA VAL B 4 9.57 -0.43 -21.65
C VAL B 4 11.04 -0.15 -21.21
N ASN B 5 11.96 -0.02 -22.17
CA ASN B 5 13.35 0.26 -21.76
C ASN B 5 13.47 1.68 -21.29
N GLU B 6 12.80 2.64 -21.99
CA GLU B 6 12.93 4.04 -21.50
C GLU B 6 12.26 4.23 -20.16
N ILE B 7 11.07 3.65 -19.99
CA ILE B 7 10.37 3.77 -18.70
C ILE B 7 11.21 3.10 -17.61
N ALA B 8 11.74 1.91 -17.91
CA ALA B 8 12.52 1.21 -16.89
C ALA B 8 13.81 1.90 -16.57
N ALA B 9 14.45 2.49 -17.55
CA ALA B 9 15.68 3.26 -17.34
C ALA B 9 15.48 4.40 -16.29
N GLU B 10 14.31 4.98 -16.25
CA GLU B 10 14.01 6.04 -15.29
C GLU B 10 14.01 5.50 -13.86
N ILE B 11 13.53 4.25 -13.72
CA ILE B 11 13.49 3.59 -12.43
C ILE B 11 14.92 3.23 -12.02
N VAL B 12 15.70 2.73 -12.96
CA VAL B 12 17.09 2.38 -12.66
C VAL B 12 17.81 3.66 -12.24
N GLU B 13 17.56 4.79 -12.94
CA GLU B 13 18.23 6.03 -12.45
C GLU B 13 17.83 6.38 -10.99
N ASP B 14 16.56 6.14 -10.62
N ASP B 14 16.56 6.16 -10.65
CA ASP B 14 16.09 6.33 -9.22
CA ASP B 14 16.11 6.33 -9.26
C ASP B 14 16.78 5.38 -8.23
C ASP B 14 16.88 5.43 -8.31
N MET B 15 16.98 4.15 -8.64
CA MET B 15 17.73 3.22 -7.86
C MET B 15 19.18 3.70 -7.64
N LEU B 16 19.79 4.19 -8.70
CA LEU B 16 21.20 4.61 -8.54
C LEU B 16 21.32 5.86 -7.68
N ASP B 17 20.28 6.70 -7.65
CA ASP B 17 20.27 7.87 -6.76
C ASP B 17 20.22 7.55 -5.26
N TYR B 18 19.75 6.35 -4.90
CA TYR B 18 19.56 5.93 -3.53
C TYR B 18 20.31 4.65 -3.24
N GLU B 19 21.45 4.45 -3.89
CA GLU B 19 22.17 3.15 -3.74
C GLU B 19 22.45 2.74 -2.30
N GLU B 20 23.01 3.66 -1.49
CA GLU B 20 23.35 3.28 -0.14
C GLU B 20 22.13 2.90 0.71
N GLU B 21 21.08 3.70 0.61
CA GLU B 21 19.81 3.39 1.27
C GLU B 21 19.24 2.04 0.84
N LEU B 22 19.37 1.74 -0.46
CA LEU B 22 18.77 0.50 -0.99
C LEU B 22 19.70 -0.67 -0.75
N ARG B 23 20.91 -0.40 -0.24
N ARG B 23 20.92 -0.37 -0.28
CA ARG B 23 21.98 -1.43 -0.08
CA ARG B 23 21.96 -1.40 -0.07
C ARG B 23 22.34 -2.14 -1.39
C ARG B 23 22.34 -2.13 -1.38
N ILE B 24 22.52 -1.36 -2.43
CA ILE B 24 22.96 -1.86 -3.70
C ILE B 24 24.21 -1.07 -4.07
N GLU B 25 24.90 -1.50 -5.13
CA GLU B 25 26.15 -0.79 -5.59
C GLU B 25 26.24 -0.97 -7.08
N SER B 26 26.65 0.07 -7.77
CA SER B 26 26.80 0.02 -9.21
C SER B 26 28.27 0.23 -9.58
N LYS B 27 28.63 -0.18 -10.79
N LYS B 27 28.62 -0.20 -10.79
CA LYS B 27 29.99 0.06 -11.37
CA LYS B 27 29.93 0.11 -11.40
C LYS B 27 29.86 0.25 -12.88
C LYS B 27 29.69 0.40 -12.87
N LYS B 28 30.52 1.28 -13.43
CA LYS B 28 30.59 1.52 -14.84
C LYS B 28 31.81 0.74 -15.34
N LEU B 29 31.61 -0.09 -16.34
CA LEU B 29 32.70 -0.95 -16.78
C LEU B 29 33.53 -0.22 -17.78
N GLU B 30 34.54 -0.92 -18.32
CA GLU B 30 35.47 -0.29 -19.25
C GLU B 30 34.83 0.16 -20.56
N ASN B 31 33.78 -0.53 -21.05
CA ASN B 31 33.00 -0.06 -22.21
C ASN B 31 31.80 0.87 -21.89
N GLY B 32 31.65 1.30 -20.64
CA GLY B 32 30.65 2.31 -20.34
C GLY B 32 29.35 1.69 -19.82
N ALA B 33 29.26 0.35 -19.87
CA ALA B 33 28.01 -0.32 -19.38
C ALA B 33 27.93 -0.20 -17.90
N ILE B 34 26.68 -0.17 -17.39
CA ILE B 34 26.49 -0.02 -15.96
C ILE B 34 25.97 -1.30 -15.42
N VAL B 35 26.70 -1.81 -14.46
CA VAL B 35 26.27 -3.04 -13.73
C VAL B 35 25.84 -2.70 -12.32
N VAL B 36 24.55 -2.97 -12.04
CA VAL B 36 24.00 -2.70 -10.70
C VAL B 36 23.86 -3.98 -9.86
N ASP B 37 24.69 -4.14 -8.82
CA ASP B 37 24.61 -5.28 -7.98
C ASP B 37 23.53 -5.13 -6.92
N CYS B 38 22.49 -5.99 -6.97
CA CYS B 38 21.32 -5.86 -6.10
C CYS B 38 21.30 -7.01 -5.20
N GLY B 39 22.41 -7.80 -5.20
CA GLY B 39 22.42 -8.94 -4.27
C GLY B 39 23.59 -9.93 -4.25
N VAL B 40 24.57 -9.75 -5.12
CA VAL B 40 25.68 -10.74 -5.17
C VAL B 40 26.66 -10.42 -4.06
N ASN B 41 27.22 -9.22 -4.05
CA ASN B 41 28.20 -8.83 -3.00
C ASN B 41 27.65 -7.80 -2.04
N VAL B 42 26.34 -7.53 -2.14
CA VAL B 42 25.63 -6.57 -1.27
C VAL B 42 24.31 -7.19 -0.75
N PRO B 43 23.71 -6.58 0.28
CA PRO B 43 22.53 -7.24 0.86
C PRO B 43 21.29 -6.99 -0.02
N GLY B 44 21.27 -5.86 -0.73
CA GLY B 44 19.97 -5.36 -1.27
C GLY B 44 18.94 -5.05 -0.17
N SER B 45 17.67 -4.97 -0.55
CA SER B 45 16.67 -4.52 0.38
C SER B 45 15.30 -4.82 -0.26
N TYR B 46 14.28 -4.75 0.60
CA TYR B 46 12.88 -4.84 0.08
C TYR B 46 12.61 -3.82 -0.97
N ASP B 47 12.98 -2.54 -0.76
CA ASP B 47 12.73 -1.58 -1.78
C ASP B 47 13.51 -1.80 -3.05
N ALA B 48 14.78 -2.30 -2.96
CA ALA B 48 15.49 -2.65 -4.17
C ALA B 48 14.71 -3.80 -4.88
N GLY B 49 14.13 -4.75 -4.12
CA GLY B 49 13.39 -5.91 -4.71
C GLY B 49 12.19 -5.36 -5.47
N ILE B 50 11.50 -4.39 -4.87
CA ILE B 50 10.28 -3.77 -5.54
C ILE B 50 10.74 -3.08 -6.79
N MET B 51 11.81 -2.29 -6.74
CA MET B 51 12.24 -1.56 -7.91
C MET B 51 12.72 -2.49 -9.02
N TYR B 52 13.39 -3.57 -8.62
CA TYR B 52 13.93 -4.58 -9.59
C TYR B 52 12.69 -5.20 -10.28
N THR B 53 11.64 -5.45 -9.48
CA THR B 53 10.39 -6.07 -10.04
C THR B 53 9.74 -5.08 -10.99
N GLN B 54 9.64 -3.82 -10.57
CA GLN B 54 9.05 -2.79 -11.50
C GLN B 54 9.79 -2.67 -12.82
N VAL B 55 11.14 -2.69 -12.75
CA VAL B 55 12.02 -2.72 -13.91
C VAL B 55 11.74 -3.98 -14.79
N CYS B 56 11.65 -5.15 -14.19
CA CYS B 56 11.34 -6.37 -14.94
C CYS B 56 10.03 -6.24 -15.65
N MET B 57 9.09 -5.50 -15.05
CA MET B 57 7.73 -5.36 -15.67
C MET B 57 7.66 -4.08 -16.53
N GLY B 58 8.83 -3.60 -16.95
CA GLY B 58 8.89 -2.50 -17.96
C GLY B 58 8.35 -1.20 -17.45
N GLY B 59 8.28 -1.06 -16.15
CA GLY B 59 7.63 0.16 -15.63
C GLY B 59 6.11 0.21 -15.83
N LEU B 60 5.52 -0.90 -16.23
CA LEU B 60 4.09 -0.90 -16.52
C LEU B 60 3.25 -1.64 -15.50
N ALA B 61 3.76 -1.76 -14.30
CA ALA B 61 3.01 -2.43 -13.24
C ALA B 61 3.15 -1.65 -11.95
N ASP B 62 2.19 -1.73 -11.06
CA ASP B 62 2.38 -1.19 -9.72
C ASP B 62 2.85 -2.38 -8.91
N VAL B 63 3.85 -2.18 -8.01
CA VAL B 63 4.32 -3.30 -7.17
C VAL B 63 4.53 -2.71 -5.78
N ASP B 64 3.99 -3.35 -4.77
N ASP B 64 4.00 -3.33 -4.75
CA ASP B 64 4.20 -2.93 -3.41
CA ASP B 64 4.19 -2.84 -3.39
C ASP B 64 4.27 -4.13 -2.47
C ASP B 64 4.40 -4.07 -2.53
N ILE B 65 4.67 -3.84 -1.23
CA ILE B 65 4.78 -4.95 -0.24
C ILE B 65 3.90 -4.55 0.95
N VAL B 66 3.15 -5.52 1.43
N VAL B 66 3.08 -5.48 1.41
CA VAL B 66 2.33 -5.40 2.63
CA VAL B 66 2.27 -5.32 2.61
C VAL B 66 2.53 -6.62 3.50
C VAL B 66 2.74 -6.48 3.47
N VAL B 67 2.54 -6.40 4.80
CA VAL B 67 2.80 -7.49 5.71
C VAL B 67 1.46 -8.06 6.13
N ASP B 68 1.34 -9.38 6.08
CA ASP B 68 0.07 -9.92 6.47
C ASP B 68 0.41 -11.32 7.06
N THR B 69 -0.60 -12.10 7.38
CA THR B 69 -0.34 -13.44 7.98
C THR B 69 -0.90 -14.59 7.19
N ILE B 70 -0.26 -15.77 7.36
CA ILE B 70 -0.81 -17.04 6.83
C ILE B 70 -0.87 -18.00 8.03
N ASN B 71 -2.07 -18.45 8.39
CA ASN B 71 -2.27 -19.18 9.68
C ASN B 71 -1.57 -18.48 10.85
N ASP B 72 -1.82 -17.19 10.92
CA ASP B 72 -1.22 -16.31 11.90
C ASP B 72 0.28 -16.03 11.84
N VAL B 73 1.03 -16.69 10.94
CA VAL B 73 2.46 -16.43 10.84
C VAL B 73 2.65 -15.23 9.94
N PRO B 74 3.41 -14.25 10.38
CA PRO B 74 3.56 -13.05 9.54
C PRO B 74 4.55 -13.27 8.36
N PHE B 75 4.22 -12.75 7.16
CA PHE B 75 5.11 -12.75 6.04
C PHE B 75 4.99 -11.41 5.37
N ALA B 76 6.03 -11.02 4.64
CA ALA B 76 5.90 -9.89 3.70
C ALA B 76 5.22 -10.46 2.44
N PHE B 77 4.30 -9.68 1.83
CA PHE B 77 3.72 -10.13 0.58
C PHE B 77 3.96 -9.12 -0.50
N VAL B 78 4.08 -9.57 -1.74
CA VAL B 78 3.98 -8.63 -2.88
C VAL B 78 2.48 -8.50 -3.23
N THR B 79 2.02 -7.26 -3.48
CA THR B 79 0.67 -7.07 -4.05
C THR B 79 0.99 -6.21 -5.33
N GLU B 80 0.42 -6.57 -6.46
CA GLU B 80 0.83 -5.89 -7.72
C GLU B 80 -0.27 -5.96 -8.73
N TYR B 81 -0.23 -5.05 -9.68
CA TYR B 81 -1.25 -5.09 -10.77
C TYR B 81 -0.69 -4.43 -12.01
N THR B 82 -1.28 -4.75 -13.18
CA THR B 82 -0.85 -4.13 -14.39
C THR B 82 -2.02 -4.09 -15.40
N ASP B 83 -2.07 -2.98 -16.17
CA ASP B 83 -3.01 -2.92 -17.31
C ASP B 83 -2.33 -3.09 -18.64
N HIS B 84 -1.13 -3.65 -18.65
CA HIS B 84 -0.54 -4.06 -19.90
C HIS B 84 0.04 -5.43 -19.74
N PRO B 85 -0.81 -6.41 -19.50
CA PRO B 85 -0.29 -7.69 -19.01
C PRO B 85 0.58 -8.37 -20.02
N ALA B 86 0.14 -8.51 -21.28
CA ALA B 86 1.03 -9.12 -22.30
C ALA B 86 2.42 -8.43 -22.37
N ILE B 87 2.45 -7.10 -22.46
CA ILE B 87 3.74 -6.42 -22.62
C ILE B 87 4.56 -6.54 -21.31
N ALA B 88 3.96 -6.18 -20.18
CA ALA B 88 4.68 -6.16 -18.94
C ALA B 88 5.21 -7.55 -18.57
N CYS B 89 4.38 -8.57 -18.77
CA CYS B 89 4.70 -9.89 -18.26
C CYS B 89 5.43 -10.76 -19.25
N LEU B 90 4.90 -10.80 -20.49
CA LEU B 90 5.54 -11.62 -21.52
C LEU B 90 6.59 -10.88 -22.28
N GLY B 91 6.35 -9.60 -22.57
CA GLY B 91 7.26 -8.85 -23.43
C GLY B 91 8.45 -8.33 -22.61
N SER B 92 8.30 -8.34 -21.28
CA SER B 92 9.41 -7.80 -20.41
C SER B 92 9.78 -8.72 -19.26
N GLN B 93 8.85 -9.05 -18.37
CA GLN B 93 9.25 -9.66 -17.15
C GLN B 93 9.80 -11.11 -17.30
N LYS B 94 9.14 -11.92 -18.12
CA LYS B 94 9.47 -13.33 -18.21
C LYS B 94 11.00 -13.47 -18.43
N ALA B 95 11.58 -14.50 -17.85
CA ALA B 95 13.03 -14.65 -18.00
C ALA B 95 13.29 -15.44 -19.28
N GLY B 96 13.04 -14.82 -20.41
CA GLY B 96 12.96 -15.55 -21.68
C GLY B 96 14.28 -15.43 -22.45
N TRP B 97 15.32 -14.85 -21.84
CA TRP B 97 16.64 -14.74 -22.50
C TRP B 97 17.71 -15.49 -21.75
N GLN B 98 18.13 -16.64 -22.27
CA GLN B 98 19.10 -17.47 -21.55
C GLN B 98 20.45 -16.87 -21.95
N ILE B 99 21.26 -16.44 -20.98
CA ILE B 99 22.51 -15.73 -21.24
C ILE B 99 23.63 -16.75 -21.00
N LYS B 100 24.39 -17.04 -22.05
CA LYS B 100 25.51 -17.98 -21.91
C LYS B 100 26.70 -17.38 -22.68
N VAL B 101 27.69 -16.86 -21.97
CA VAL B 101 28.79 -16.17 -22.61
C VAL B 101 30.00 -16.79 -21.92
N ASP B 102 30.70 -17.64 -22.68
CA ASP B 102 31.64 -18.67 -22.16
C ASP B 102 31.29 -19.41 -20.88
N LYS B 103 31.90 -19.12 -19.73
CA LYS B 103 31.47 -19.84 -18.55
C LYS B 103 30.44 -19.05 -17.77
N TYR B 104 30.14 -17.83 -18.22
CA TYR B 104 29.11 -17.00 -17.54
C TYR B 104 27.70 -17.43 -17.93
N PHE B 105 26.89 -17.83 -16.94
CA PHE B 105 25.48 -18.18 -17.24
C PHE B 105 24.51 -17.35 -16.42
N ALA B 106 23.49 -16.77 -17.06
CA ALA B 106 22.44 -16.10 -16.28
C ALA B 106 21.08 -16.25 -16.97
N MET B 107 20.03 -16.11 -16.17
CA MET B 107 18.68 -16.05 -16.69
C MET B 107 18.41 -14.55 -16.86
N GLY B 108 18.07 -14.14 -18.07
CA GLY B 108 17.86 -12.73 -18.39
C GLY B 108 16.36 -12.38 -18.50
N SER B 109 15.89 -11.37 -17.76
CA SER B 109 14.48 -10.87 -17.78
C SER B 109 14.57 -9.40 -18.11
N GLY B 110 13.46 -8.81 -18.48
CA GLY B 110 13.33 -7.33 -18.47
C GLY B 110 13.30 -6.79 -19.87
N PRO B 111 13.21 -5.44 -19.95
CA PRO B 111 12.90 -4.72 -21.14
C PRO B 111 13.88 -5.00 -22.27
N ALA B 112 15.15 -5.30 -21.99
CA ALA B 112 16.11 -5.51 -23.03
C ALA B 112 15.62 -6.63 -23.97
N ARG B 113 14.83 -7.57 -23.43
CA ARG B 113 14.32 -8.66 -24.26
C ARG B 113 13.48 -8.13 -25.41
N ALA B 114 12.80 -6.97 -25.24
CA ALA B 114 11.92 -6.42 -26.28
C ALA B 114 12.75 -5.65 -27.38
N LEU B 115 14.07 -5.56 -27.22
CA LEU B 115 14.99 -4.97 -28.23
C LEU B 115 15.68 -6.07 -29.00
N ALA B 116 16.20 -7.05 -28.25
CA ALA B 116 16.89 -8.24 -28.76
C ALA B 116 15.93 -9.30 -29.33
N LEU B 117 14.65 -9.16 -29.00
CA LEU B 117 13.55 -10.09 -29.44
C LEU B 117 13.83 -11.50 -28.93
N LYS B 118 13.85 -11.64 -27.62
CA LYS B 118 14.21 -12.94 -27.03
C LYS B 118 13.08 -13.47 -26.13
N PRO B 119 12.37 -14.52 -26.56
CA PRO B 119 12.39 -15.17 -27.88
C PRO B 119 11.52 -14.43 -28.90
N LYS B 120 11.90 -14.51 -30.19
CA LYS B 120 11.18 -13.82 -31.22
C LYS B 120 9.69 -14.10 -31.22
N LYS B 121 9.30 -15.37 -31.03
CA LYS B 121 7.88 -15.73 -31.11
C LYS B 121 7.02 -14.97 -30.13
N THR B 122 7.59 -14.61 -28.99
CA THR B 122 6.81 -13.84 -28.02
C THR B 122 6.35 -12.51 -28.55
N TYR B 123 7.27 -11.83 -29.23
CA TYR B 123 6.97 -10.49 -29.78
C TYR B 123 5.97 -10.57 -30.91
N GLU B 124 6.01 -11.63 -31.68
CA GLU B 124 4.94 -11.88 -32.72
C GLU B 124 3.60 -12.08 -32.05
N ARG B 125 3.61 -12.85 -30.97
CA ARG B 125 2.36 -13.27 -30.29
C ARG B 125 1.71 -12.13 -29.57
N ILE B 126 2.52 -11.25 -28.93
CA ILE B 126 1.89 -10.12 -28.22
C ILE B 126 1.80 -8.82 -29.05
N GLU B 127 2.35 -8.87 -30.25
CA GLU B 127 2.37 -7.65 -31.15
C GLU B 127 2.99 -6.43 -30.48
N TYR B 128 4.18 -6.59 -29.97
CA TYR B 128 4.87 -5.47 -29.26
C TYR B 128 6.35 -5.66 -29.55
N GLU B 129 7.09 -4.56 -29.65
CA GLU B 129 8.53 -4.59 -29.57
C GLU B 129 8.91 -3.18 -29.18
N ASP B 130 10.10 -2.99 -28.63
CA ASP B 130 10.48 -1.63 -28.29
C ASP B 130 11.49 -1.07 -29.33
N ASP B 131 11.76 0.22 -29.19
CA ASP B 131 12.78 0.87 -29.97
C ASP B 131 13.29 1.93 -29.02
N ALA B 132 14.47 1.69 -28.53
CA ALA B 132 15.02 2.61 -27.57
C ALA B 132 16.48 2.54 -27.89
N ASP B 133 17.18 3.56 -27.49
CA ASP B 133 18.67 3.44 -27.58
C ASP B 133 19.27 3.22 -26.19
N VAL B 134 18.46 2.77 -25.24
CA VAL B 134 18.97 2.37 -23.91
C VAL B 134 18.41 0.96 -23.71
N ALA B 135 19.19 0.06 -23.10
CA ALA B 135 18.66 -1.29 -22.84
C ALA B 135 18.79 -1.59 -21.36
N VAL B 136 17.75 -2.19 -20.78
CA VAL B 136 17.80 -2.50 -19.38
C VAL B 136 17.49 -3.98 -19.20
N ILE B 137 18.42 -4.70 -18.60
CA ILE B 137 18.27 -6.18 -18.40
C ILE B 137 18.35 -6.52 -16.93
N ALA B 138 17.66 -7.60 -16.52
CA ALA B 138 17.72 -8.06 -15.14
C ALA B 138 18.19 -9.45 -15.19
N LEU B 139 19.29 -9.69 -14.46
CA LEU B 139 19.99 -11.03 -14.44
C LEU B 139 19.84 -11.72 -13.10
N GLU B 140 19.31 -12.95 -13.12
CA GLU B 140 19.30 -13.76 -11.93
C GLU B 140 20.55 -14.66 -12.02
N ALA B 141 21.50 -14.44 -11.11
CA ALA B 141 22.85 -15.05 -11.27
C ALA B 141 23.60 -14.91 -9.99
N ASN B 142 24.59 -15.76 -9.73
CA ASN B 142 25.40 -15.57 -8.53
C ASN B 142 26.70 -14.87 -8.81
N GLN B 143 26.86 -14.35 -10.01
CA GLN B 143 28.04 -13.60 -10.35
C GLN B 143 27.64 -12.41 -11.16
N LEU B 144 28.45 -11.36 -11.07
CA LEU B 144 28.22 -10.15 -11.87
C LEU B 144 28.82 -10.28 -13.26
N PRO B 145 28.12 -9.77 -14.27
CA PRO B 145 28.59 -9.90 -15.64
C PRO B 145 29.71 -8.93 -15.91
N ASP B 146 30.66 -9.36 -16.76
CA ASP B 146 31.80 -8.51 -17.03
C ASP B 146 31.61 -7.77 -18.35
N GLU B 147 32.64 -7.06 -18.82
CA GLU B 147 32.53 -6.31 -20.05
C GLU B 147 32.08 -7.14 -21.22
N LYS B 148 32.63 -8.34 -21.33
CA LYS B 148 32.34 -9.20 -22.52
C LYS B 148 30.82 -9.57 -22.57
N VAL B 149 30.28 -9.89 -21.41
CA VAL B 149 28.81 -10.20 -21.30
C VAL B 149 28.01 -8.96 -21.69
N MET B 150 28.40 -7.80 -21.15
CA MET B 150 27.66 -6.57 -21.41
C MET B 150 27.79 -6.19 -22.87
N GLU B 151 28.94 -6.45 -23.51
CA GLU B 151 29.10 -6.13 -24.90
C GLU B 151 28.16 -7.05 -25.69
N PHE B 152 28.05 -8.33 -25.30
CA PHE B 152 27.14 -9.24 -26.02
C PHE B 152 25.65 -8.77 -25.94
N ILE B 153 25.24 -8.38 -24.71
CA ILE B 153 23.88 -7.87 -24.51
C ILE B 153 23.63 -6.63 -25.37
N ALA B 154 24.58 -5.69 -25.34
CA ALA B 154 24.45 -4.50 -26.13
C ALA B 154 24.29 -4.83 -27.60
N LYS B 155 25.17 -5.69 -28.12
CA LYS B 155 25.13 -6.08 -29.54
C LYS B 155 23.76 -6.65 -29.93
N GLU B 156 23.26 -7.59 -29.13
CA GLU B 156 21.96 -8.24 -29.41
C GLU B 156 20.79 -7.25 -29.39
N CYS B 157 20.92 -6.15 -28.63
CA CYS B 157 19.90 -5.13 -28.46
C CYS B 157 20.02 -3.99 -29.42
N ASP B 158 21.07 -4.00 -30.24
CA ASP B 158 21.32 -2.96 -31.23
C ASP B 158 21.48 -1.60 -30.50
N VAL B 159 22.18 -1.55 -29.36
CA VAL B 159 22.45 -0.29 -28.60
C VAL B 159 23.98 -0.25 -28.32
N ASP B 160 24.52 0.91 -28.01
CA ASP B 160 25.92 0.98 -27.56
C ASP B 160 26.09 0.42 -26.13
N PRO B 161 27.22 -0.24 -25.78
CA PRO B 161 27.34 -0.65 -24.37
C PRO B 161 27.27 0.44 -23.36
N GLU B 162 27.67 1.64 -23.70
CA GLU B 162 27.56 2.64 -22.68
C GLU B 162 26.07 2.90 -22.32
N ASN B 163 25.16 2.37 -23.14
CA ASN B 163 23.72 2.58 -22.92
C ASN B 163 22.98 1.32 -22.43
N VAL B 164 23.75 0.39 -21.85
CA VAL B 164 23.19 -0.81 -21.24
C VAL B 164 23.30 -0.75 -19.73
N TYR B 165 22.19 -1.09 -19.05
CA TYR B 165 22.24 -1.28 -17.64
C TYR B 165 21.83 -2.72 -17.31
N ALA B 166 22.50 -3.34 -16.37
CA ALA B 166 22.08 -4.67 -15.88
C ALA B 166 21.85 -4.60 -14.40
N LEU B 167 20.70 -5.10 -13.90
CA LEU B 167 20.49 -5.30 -12.48
C LEU B 167 20.77 -6.76 -12.27
N VAL B 168 21.35 -7.10 -11.12
CA VAL B 168 21.76 -8.48 -10.92
C VAL B 168 21.47 -8.89 -9.50
N ALA B 169 20.84 -10.07 -9.31
CA ALA B 169 20.71 -10.63 -7.97
C ALA B 169 20.60 -12.15 -8.06
N PRO B 170 21.12 -12.87 -7.05
CA PRO B 170 21.02 -14.32 -7.00
C PRO B 170 19.68 -14.74 -6.50
N THR B 171 19.35 -16.00 -6.77
CA THR B 171 18.08 -16.53 -6.29
C THR B 171 17.93 -16.39 -4.81
N ALA B 172 18.99 -16.71 -4.01
CA ALA B 172 18.89 -16.58 -2.57
C ALA B 172 19.38 -15.21 -2.16
N SER B 173 18.45 -14.25 -2.18
CA SER B 173 18.76 -12.91 -1.73
C SER B 173 17.42 -12.26 -1.53
N ILE B 174 17.40 -11.14 -0.79
CA ILE B 174 16.06 -10.57 -0.57
C ILE B 174 15.49 -10.10 -1.92
N VAL B 175 16.33 -9.48 -2.74
CA VAL B 175 15.87 -8.99 -4.11
C VAL B 175 15.36 -10.19 -4.93
N GLY B 176 16.08 -11.31 -4.82
CA GLY B 176 15.60 -12.56 -5.49
C GLY B 176 14.24 -12.98 -4.97
N SER B 177 14.04 -13.03 -3.66
CA SER B 177 12.73 -13.47 -3.14
C SER B 177 11.62 -12.51 -3.55
N VAL B 178 11.93 -11.23 -3.47
CA VAL B 178 10.88 -10.24 -3.86
C VAL B 178 10.57 -10.33 -5.32
N GLN B 179 11.57 -10.30 -6.20
CA GLN B 179 11.30 -10.22 -7.63
C GLN B 179 10.64 -11.51 -8.11
N ILE B 180 10.97 -12.65 -7.47
CA ILE B 180 10.36 -13.87 -7.99
C ILE B 180 8.87 -13.91 -7.54
N SER B 181 8.56 -13.60 -6.30
CA SER B 181 7.13 -13.50 -5.91
C SER B 181 6.41 -12.41 -6.75
N GLY B 182 7.18 -11.39 -7.19
CA GLY B 182 6.64 -10.32 -8.05
C GLY B 182 6.27 -10.77 -9.42
N ARG B 183 6.52 -12.03 -9.75
CA ARG B 183 6.09 -12.63 -11.05
C ARG B 183 4.75 -13.37 -10.92
N ILE B 184 4.03 -13.12 -9.83
CA ILE B 184 2.71 -13.84 -9.62
C ILE B 184 1.74 -13.59 -10.80
N VAL B 185 1.58 -12.34 -11.24
CA VAL B 185 0.68 -12.14 -12.38
C VAL B 185 1.28 -12.81 -13.67
N GLN B 186 2.58 -12.61 -13.85
CA GLN B 186 3.30 -13.20 -15.00
C GLN B 186 3.11 -14.72 -15.07
N THR B 187 3.11 -15.38 -13.92
N THR B 187 3.08 -15.38 -13.95
CA THR B 187 2.90 -16.88 -13.96
CA THR B 187 2.95 -16.83 -14.03
C THR B 187 1.56 -17.21 -14.60
C THR B 187 1.55 -17.28 -14.48
N ALA B 188 0.55 -16.48 -14.18
CA ALA B 188 -0.79 -16.69 -14.78
C ALA B 188 -0.77 -16.38 -16.25
N ILE B 189 -0.21 -15.22 -16.64
CA ILE B 189 -0.26 -14.86 -18.07
C ILE B 189 0.52 -15.92 -18.91
N PHE B 190 1.68 -16.27 -18.39
CA PHE B 190 2.55 -17.23 -19.10
C PHE B 190 1.87 -18.57 -19.24
N LYS B 191 1.27 -19.05 -18.16
CA LYS B 191 0.60 -20.36 -18.20
C LYS B 191 -0.62 -20.27 -19.16
N MET B 192 -1.35 -19.15 -19.10
CA MET B 192 -2.45 -18.97 -20.06
C MET B 192 -1.97 -19.07 -21.53
N ASN B 193 -0.86 -18.42 -21.85
CA ASN B 193 -0.36 -18.51 -23.21
C ASN B 193 0.10 -19.94 -23.55
N GLU B 194 0.77 -20.60 -22.59
CA GLU B 194 1.27 -21.98 -22.83
C GLU B 194 0.14 -22.96 -23.19
N ILE B 195 -1.06 -22.73 -22.65
CA ILE B 195 -2.18 -23.62 -22.94
C ILE B 195 -3.01 -23.15 -24.12
N GLY B 196 -2.58 -22.07 -24.79
CA GLY B 196 -3.10 -21.70 -26.09
C GLY B 196 -3.98 -20.49 -26.03
N TYR B 197 -4.10 -19.85 -24.85
CA TYR B 197 -5.04 -18.73 -24.75
C TYR B 197 -4.31 -17.46 -25.23
N ASP B 198 -4.94 -16.71 -26.11
CA ASP B 198 -4.25 -15.54 -26.67
C ASP B 198 -4.03 -14.46 -25.57
N PRO B 199 -2.78 -14.08 -25.32
CA PRO B 199 -2.60 -13.11 -24.17
C PRO B 199 -3.07 -11.73 -24.55
N LYS B 200 -3.24 -11.45 -25.84
CA LYS B 200 -3.75 -10.14 -26.25
C LYS B 200 -5.21 -9.97 -25.79
N LEU B 201 -5.88 -11.06 -25.39
CA LEU B 201 -7.24 -10.99 -24.87
C LEU B 201 -7.28 -10.58 -23.40
N ILE B 202 -6.09 -10.52 -22.75
CA ILE B 202 -6.10 -10.23 -21.32
C ILE B 202 -5.98 -8.74 -21.12
N VAL B 203 -6.94 -8.22 -20.40
CA VAL B 203 -7.12 -6.75 -20.25
C VAL B 203 -6.22 -6.25 -19.09
N SER B 204 -6.21 -6.99 -18.00
CA SER B 204 -5.50 -6.49 -16.78
C SER B 204 -5.30 -7.66 -15.85
N GLY B 205 -4.44 -7.49 -14.85
CA GLY B 205 -4.28 -8.61 -13.93
C GLY B 205 -3.80 -8.00 -12.61
N ALA B 206 -4.17 -8.63 -11.50
CA ALA B 206 -3.71 -8.16 -10.18
C ALA B 206 -3.33 -9.39 -9.39
N GLY B 207 -2.30 -9.32 -8.59
CA GLY B 207 -1.93 -10.59 -7.87
C GLY B 207 -1.36 -10.32 -6.52
N ARG B 208 -1.30 -11.36 -5.70
CA ARG B 208 -0.69 -11.22 -4.33
C ARG B 208 0.07 -12.50 -4.15
N CYS B 209 1.23 -12.41 -3.50
CA CYS B 209 2.00 -13.64 -3.29
C CYS B 209 2.92 -13.36 -2.10
N PRO B 210 2.98 -14.27 -1.13
CA PRO B 210 4.01 -14.10 -0.05
C PRO B 210 5.46 -14.16 -0.59
N ILE B 211 6.36 -13.49 0.11
CA ILE B 211 7.76 -13.36 -0.25
C ILE B 211 8.52 -14.43 0.53
N SER B 212 9.21 -15.29 -0.17
CA SER B 212 9.83 -16.48 0.49
C SER B 212 10.92 -15.96 1.46
N PRO B 213 11.02 -16.59 2.64
CA PRO B 213 12.25 -16.43 3.41
C PRO B 213 13.44 -16.84 2.50
N ILE B 214 14.66 -16.43 2.91
CA ILE B 214 15.86 -16.68 2.15
C ILE B 214 16.40 -18.01 2.68
N LEU B 215 16.44 -19.02 1.82
CA LEU B 215 16.99 -20.34 2.32
C LEU B 215 18.48 -20.39 2.10
N GLU B 216 19.10 -21.53 2.47
CA GLU B 216 20.54 -21.52 2.63
C GLU B 216 21.39 -21.49 1.39
N ASN B 217 20.81 -21.74 0.21
CA ASN B 217 21.59 -21.62 -1.00
C ASN B 217 20.66 -21.38 -2.19
N ASP B 218 21.27 -21.03 -3.33
CA ASP B 218 20.51 -20.67 -4.57
C ASP B 218 19.59 -21.81 -4.97
N LEU B 219 20.03 -23.05 -4.84
CA LEU B 219 19.18 -24.18 -5.31
C LEU B 219 17.91 -24.42 -4.50
N LYS B 220 18.02 -24.41 -3.19
CA LYS B 220 16.86 -24.50 -2.33
C LYS B 220 15.97 -23.22 -2.51
N ALA B 221 16.60 -22.07 -2.63
CA ALA B 221 15.84 -20.80 -2.87
C ALA B 221 15.05 -20.90 -4.17
N MET B 222 15.59 -21.52 -5.23
CA MET B 222 14.76 -21.73 -6.47
C MET B 222 13.45 -22.39 -6.16
N GLY B 223 13.50 -23.38 -5.27
CA GLY B 223 12.32 -24.07 -4.86
C GLY B 223 11.31 -23.25 -4.07
N SER B 224 11.76 -22.52 -3.07
N SER B 224 11.81 -22.54 -3.07
CA SER B 224 10.81 -21.93 -2.15
CA SER B 224 10.97 -21.88 -2.09
C SER B 224 10.19 -20.66 -2.82
C SER B 224 10.27 -20.65 -2.71
N THR B 225 11.01 -19.96 -3.57
CA THR B 225 10.50 -18.71 -4.24
C THR B 225 9.45 -19.10 -5.25
N ASN B 226 9.71 -20.10 -6.06
CA ASN B 226 8.65 -20.68 -6.94
C ASN B 226 7.43 -21.29 -6.24
N ASP B 227 7.62 -21.99 -5.12
CA ASP B 227 6.48 -22.49 -4.38
C ASP B 227 5.54 -21.39 -3.85
N SER B 228 6.12 -20.21 -3.62
CA SER B 228 5.31 -19.08 -3.14
C SER B 228 4.14 -18.92 -4.12
N MET B 229 4.43 -18.88 -5.43
CA MET B 229 3.39 -18.70 -6.44
C MET B 229 2.55 -19.94 -6.59
N MET B 230 3.23 -21.09 -6.65
CA MET B 230 2.48 -22.32 -6.94
C MET B 230 1.54 -22.79 -5.90
N TYR B 231 1.87 -22.51 -4.65
CA TYR B 231 1.04 -22.93 -3.54
C TYR B 231 0.33 -21.79 -2.84
N TYR B 232 0.74 -20.55 -3.10
CA TYR B 232 0.12 -19.51 -2.30
C TYR B 232 -0.01 -18.21 -3.06
N GLY B 233 -0.09 -18.31 -4.37
CA GLY B 233 -0.12 -17.09 -5.26
C GLY B 233 -1.52 -16.92 -5.79
N SER B 234 -2.09 -15.68 -5.76
CA SER B 234 -3.51 -15.55 -6.14
C SER B 234 -3.64 -14.44 -7.20
N VAL B 235 -4.38 -14.66 -8.29
CA VAL B 235 -4.47 -13.65 -9.33
C VAL B 235 -5.90 -13.37 -9.68
N PHE B 236 -6.21 -12.07 -9.73
CA PHE B 236 -7.53 -11.65 -10.33
C PHE B 236 -7.21 -11.10 -11.72
N LEU B 237 -7.87 -11.63 -12.76
CA LEU B 237 -7.62 -11.27 -14.14
C LEU B 237 -8.91 -10.86 -14.82
N THR B 238 -8.76 -9.96 -15.78
CA THR B 238 -9.87 -9.51 -16.62
C THR B 238 -9.54 -9.86 -18.04
N VAL B 239 -10.52 -10.51 -18.73
CA VAL B 239 -10.25 -10.92 -20.11
C VAL B 239 -11.43 -10.49 -21.00
N LYS B 240 -11.16 -10.36 -22.29
CA LYS B 240 -12.20 -9.91 -23.23
C LYS B 240 -13.26 -11.01 -23.48
N LYS B 241 -12.81 -12.27 -23.48
CA LYS B 241 -13.62 -13.42 -23.87
C LYS B 241 -13.07 -14.61 -23.12
N TYR B 242 -13.92 -15.32 -22.42
CA TYR B 242 -13.50 -16.46 -21.62
C TYR B 242 -13.36 -17.68 -22.51
N ASP B 243 -12.54 -18.63 -22.06
CA ASP B 243 -12.37 -19.92 -22.78
C ASP B 243 -12.37 -20.94 -21.65
N GLU B 244 -13.18 -22.00 -21.78
CA GLU B 244 -13.26 -23.06 -20.79
C GLU B 244 -11.88 -23.68 -20.47
N ILE B 245 -10.95 -23.56 -21.42
CA ILE B 245 -9.57 -24.01 -21.23
C ILE B 245 -8.92 -23.39 -19.99
N LEU B 246 -9.37 -22.20 -19.57
CA LEU B 246 -8.71 -21.57 -18.45
C LEU B 246 -8.90 -22.26 -17.13
N LYS B 247 -9.75 -23.31 -17.05
CA LYS B 247 -9.78 -24.10 -15.84
C LYS B 247 -8.47 -24.82 -15.59
N ASN B 248 -7.63 -24.92 -16.61
CA ASN B 248 -6.37 -25.64 -16.43
C ASN B 248 -5.23 -24.70 -16.10
N VAL B 249 -5.54 -23.42 -15.78
CA VAL B 249 -4.47 -22.52 -15.38
C VAL B 249 -3.82 -22.89 -14.01
N PRO B 250 -4.61 -23.21 -12.96
CA PRO B 250 -4.00 -23.37 -11.64
C PRO B 250 -3.01 -24.53 -11.56
N SER B 251 -2.02 -24.36 -10.72
CA SER B 251 -1.00 -25.37 -10.52
C SER B 251 -1.59 -26.71 -10.07
N CYS B 252 -2.72 -26.72 -9.37
CA CYS B 252 -3.27 -27.97 -8.86
C CYS B 252 -3.81 -28.91 -9.95
N THR B 253 -3.85 -28.44 -11.21
CA THR B 253 -4.21 -29.28 -12.37
C THR B 253 -2.95 -30.03 -13.00
N SER B 254 -1.76 -29.71 -12.52
CA SER B 254 -0.51 -30.28 -13.05
C SER B 254 -0.27 -31.64 -12.40
N ARG B 255 0.17 -32.60 -13.21
CA ARG B 255 0.62 -33.91 -12.68
C ARG B 255 1.70 -33.83 -11.59
N ASP B 256 2.43 -32.68 -11.51
CA ASP B 256 3.44 -32.49 -10.47
C ASP B 256 3.02 -31.78 -9.19
N TYR B 257 1.76 -31.39 -9.11
CA TYR B 257 1.26 -30.68 -7.97
C TYR B 257 1.36 -31.53 -6.67
N GLY B 258 1.87 -30.90 -5.63
CA GLY B 258 2.07 -31.53 -4.32
C GLY B 258 3.60 -31.61 -4.08
N LYS B 259 4.37 -31.77 -5.18
CA LYS B 259 5.85 -31.84 -5.22
C LYS B 259 6.48 -30.51 -4.81
N PRO B 260 7.67 -30.52 -4.16
CA PRO B 260 8.33 -29.23 -3.89
C PRO B 260 8.95 -28.77 -5.18
N PHE B 261 8.94 -27.48 -5.44
CA PHE B 261 9.49 -27.08 -6.71
C PHE B 261 10.93 -27.54 -6.72
N TYR B 262 11.51 -27.71 -5.53
CA TYR B 262 12.96 -27.98 -5.47
C TYR B 262 13.18 -29.31 -6.16
N GLU B 263 12.18 -30.20 -6.02
CA GLU B 263 12.23 -31.55 -6.64
C GLU B 263 12.34 -31.48 -8.15
N ILE B 264 11.46 -30.66 -8.73
CA ILE B 264 11.33 -30.46 -10.19
C ILE B 264 12.60 -29.83 -10.72
N PHE B 265 13.15 -28.88 -9.95
CA PHE B 265 14.37 -28.20 -10.34
C PHE B 265 15.55 -29.18 -10.41
N LYS B 266 15.65 -30.01 -9.37
CA LYS B 266 16.71 -31.03 -9.29
C LYS B 266 16.67 -32.05 -10.48
N ALA B 267 15.47 -32.55 -10.78
CA ALA B 267 15.28 -33.47 -11.90
C ALA B 267 15.76 -32.82 -13.25
N ALA B 268 15.54 -31.52 -13.44
CA ALA B 268 16.03 -30.82 -14.62
C ALA B 268 17.54 -30.53 -14.49
N ASN B 269 18.24 -31.20 -13.56
CA ASN B 269 19.70 -31.05 -13.33
C ASN B 269 20.04 -29.62 -12.94
N TYR B 270 19.16 -29.03 -12.14
CA TYR B 270 19.35 -27.68 -11.65
C TYR B 270 19.53 -26.69 -12.79
N ASP B 271 18.93 -26.98 -13.96
CA ASP B 271 18.95 -26.03 -15.08
C ASP B 271 17.55 -25.50 -15.27
N PHE B 272 17.35 -24.21 -14.91
CA PHE B 272 16.01 -23.62 -15.08
C PHE B 272 15.41 -23.81 -16.49
N TYR B 273 16.24 -23.65 -17.51
CA TYR B 273 15.79 -23.70 -18.93
C TYR B 273 15.48 -25.13 -19.43
N LYS B 274 15.84 -26.15 -18.63
CA LYS B 274 15.43 -27.55 -18.86
C LYS B 274 14.13 -27.95 -18.10
N ILE B 275 13.59 -27.03 -17.30
CA ILE B 275 12.23 -27.23 -16.73
C ILE B 275 11.08 -27.15 -17.77
N ASP B 276 10.18 -28.15 -17.80
CA ASP B 276 9.01 -28.09 -18.71
C ASP B 276 8.26 -26.78 -18.41
N PRO B 277 8.15 -25.84 -19.40
CA PRO B 277 7.43 -24.56 -19.13
C PRO B 277 5.98 -24.72 -18.68
N ASN B 278 5.36 -25.87 -18.99
CA ASN B 278 3.96 -26.13 -18.59
C ASN B 278 3.76 -26.37 -17.08
N LEU B 279 4.82 -26.20 -16.34
CA LEU B 279 4.72 -26.42 -14.91
C LEU B 279 4.61 -25.14 -14.05
N PHE B 280 4.87 -24.02 -14.63
CA PHE B 280 4.83 -22.79 -13.85
C PHE B 280 3.41 -22.31 -13.86
N ALA B 281 2.82 -22.04 -12.69
CA ALA B 281 1.38 -21.62 -12.68
C ALA B 281 1.02 -21.06 -11.29
N PRO B 282 0.01 -20.15 -11.23
CA PRO B 282 -0.47 -19.63 -9.96
C PRO B 282 -1.35 -20.68 -9.19
N ALA B 283 -1.36 -20.52 -7.88
CA ALA B 283 -2.20 -21.39 -7.03
C ALA B 283 -3.67 -21.24 -7.32
N GLN B 284 -4.13 -19.99 -7.49
N GLN B 284 -4.16 -19.99 -7.46
CA GLN B 284 -5.55 -19.79 -7.72
CA GLN B 284 -5.62 -19.74 -7.54
C GLN B 284 -5.69 -18.56 -8.58
C GLN B 284 -5.88 -18.46 -8.31
N ILE B 285 -6.80 -18.54 -9.27
CA ILE B 285 -7.12 -17.40 -10.16
C ILE B 285 -8.62 -17.13 -10.14
N ALA B 286 -8.97 -15.86 -10.36
CA ALA B 286 -10.35 -15.47 -10.70
C ALA B 286 -10.33 -14.73 -12.01
N VAL B 287 -11.19 -15.14 -12.95
CA VAL B 287 -11.09 -14.60 -14.27
C VAL B 287 -12.41 -13.91 -14.58
N ASN B 288 -12.37 -12.59 -14.68
CA ASN B 288 -13.54 -11.83 -15.05
C ASN B 288 -13.64 -11.72 -16.57
N ASP B 289 -14.74 -12.27 -17.09
CA ASP B 289 -14.95 -12.29 -18.49
C ASP B 289 -15.87 -11.13 -18.88
N LEU B 290 -15.34 -10.27 -19.76
CA LEU B 290 -16.04 -9.05 -20.14
C LEU B 290 -17.24 -9.43 -21.02
N GLU B 291 -17.17 -10.56 -21.70
CA GLU B 291 -18.25 -10.94 -22.61
C GLU B 291 -19.52 -11.37 -21.92
N THR B 292 -19.41 -12.27 -20.97
CA THR B 292 -20.56 -12.76 -20.19
C THR B 292 -20.82 -11.96 -18.95
N GLY B 293 -19.82 -11.18 -18.52
CA GLY B 293 -19.90 -10.59 -17.20
C GLY B 293 -19.76 -11.49 -16.01
N LYS B 294 -19.31 -12.72 -16.21
CA LYS B 294 -19.18 -13.65 -15.12
C LYS B 294 -17.70 -13.67 -14.69
N THR B 295 -17.46 -14.15 -13.48
CA THR B 295 -16.12 -14.33 -12.98
C THR B 295 -15.90 -15.74 -12.51
N TYR B 296 -14.95 -16.38 -13.20
CA TYR B 296 -14.73 -17.84 -13.01
C TYR B 296 -13.57 -18.06 -12.11
N VAL B 297 -13.76 -18.86 -11.03
CA VAL B 297 -12.67 -19.03 -10.06
C VAL B 297 -12.14 -20.49 -10.17
N HIS B 298 -10.81 -20.65 -10.14
CA HIS B 298 -10.16 -22.00 -10.28
C HIS B 298 -9.01 -22.06 -9.33
N GLY B 299 -8.73 -23.23 -8.71
CA GLY B 299 -7.48 -23.30 -7.95
C GLY B 299 -7.75 -23.29 -6.49
N LYS B 300 -6.72 -23.32 -5.65
CA LYS B 300 -6.80 -23.31 -4.16
C LYS B 300 -5.42 -22.92 -3.59
N LEU B 301 -5.42 -22.53 -2.33
CA LEU B 301 -4.18 -22.16 -1.67
C LEU B 301 -3.80 -23.38 -0.88
N ASN B 302 -2.54 -23.45 -0.53
CA ASN B 302 -2.03 -24.61 0.20
C ASN B 302 -0.92 -24.21 1.15
N ALA B 303 -1.30 -23.74 2.34
CA ALA B 303 -0.33 -23.27 3.36
C ALA B 303 0.50 -24.42 3.85
N GLU B 304 -0.11 -25.59 3.93
CA GLU B 304 0.67 -26.77 4.43
C GLU B 304 1.92 -27.00 3.62
N VAL B 305 1.80 -27.07 2.31
CA VAL B 305 2.95 -27.24 1.43
C VAL B 305 3.88 -26.05 1.47
N LEU B 306 3.26 -24.87 1.49
CA LEU B 306 4.09 -23.70 1.57
C LEU B 306 5.01 -23.70 2.81
N PHE B 307 4.46 -24.03 3.98
CA PHE B 307 5.31 -24.03 5.19
C PHE B 307 6.45 -25.08 5.19
N GLN B 308 6.21 -26.20 4.56
CA GLN B 308 7.27 -27.19 4.27
C GLN B 308 8.35 -26.54 3.38
N SER B 309 7.86 -25.86 2.33
N SER B 309 7.93 -25.91 2.29
CA SER B 309 8.70 -25.28 1.31
CA SER B 309 8.92 -25.33 1.37
C SER B 309 9.56 -24.15 1.84
C SER B 309 9.73 -24.24 2.06
N TYR B 310 9.05 -23.43 2.85
CA TYR B 310 9.68 -22.29 3.51
C TYR B 310 10.54 -22.66 4.73
N GLN B 311 10.64 -23.96 5.02
CA GLN B 311 11.43 -24.45 6.17
C GLN B 311 11.08 -23.74 7.45
N ILE B 312 9.78 -23.65 7.68
CA ILE B 312 9.17 -23.08 8.86
C ILE B 312 9.34 -24.06 10.01
N VAL B 313 9.71 -23.53 11.14
CA VAL B 313 9.81 -24.30 12.37
C VAL B 313 8.88 -23.68 13.42
N LEU B 314 7.82 -24.39 13.75
CA LEU B 314 6.86 -23.95 14.76
C LEU B 314 7.27 -24.49 16.10
N GLU B 315 6.73 -23.91 17.17
CA GLU B 315 7.09 -24.27 18.55
C GLU B 315 6.60 -25.63 19.08
N MET C 1 -8.49 27.27 3.47
CA MET C 1 -7.51 27.62 2.45
C MET C 1 -7.14 26.42 1.61
N LEU C 2 -7.89 25.33 1.68
CA LEU C 2 -7.61 24.22 0.73
C LEU C 2 -8.56 24.32 -0.46
N SER C 3 -8.02 24.37 -1.69
CA SER C 3 -8.87 24.40 -2.89
C SER C 3 -8.98 23.02 -3.50
N VAL C 4 -10.15 22.37 -3.37
CA VAL C 4 -10.27 21.01 -3.95
C VAL C 4 -10.07 21.06 -5.46
N ASN C 5 -10.50 22.15 -6.16
CA ASN C 5 -10.27 22.14 -7.58
C ASN C 5 -8.80 22.33 -7.98
N GLU C 6 -8.08 23.23 -7.29
CA GLU C 6 -6.69 23.43 -7.59
C GLU C 6 -5.90 22.15 -7.33
N ILE C 7 -6.20 21.50 -6.21
CA ILE C 7 -5.44 20.31 -5.85
C ILE C 7 -5.73 19.19 -6.87
N ALA C 8 -7.00 18.99 -7.16
CA ALA C 8 -7.43 18.03 -8.19
C ALA C 8 -6.90 18.28 -9.56
N ALA C 9 -6.76 19.56 -9.93
CA ALA C 9 -6.24 19.83 -11.26
C ALA C 9 -4.80 19.39 -11.40
N GLU C 10 -4.05 19.40 -10.30
CA GLU C 10 -2.68 18.98 -10.36
C GLU C 10 -2.68 17.46 -10.68
N ILE C 11 -3.65 16.76 -10.13
CA ILE C 11 -3.74 15.28 -10.34
C ILE C 11 -4.12 15.08 -11.77
N VAL C 12 -5.05 15.88 -12.32
CA VAL C 12 -5.49 15.70 -13.70
C VAL C 12 -4.30 16.01 -14.59
N GLU C 13 -3.54 17.04 -14.27
CA GLU C 13 -2.32 17.30 -15.10
C GLU C 13 -1.36 16.09 -15.12
N ASP C 14 -1.21 15.44 -13.99
N ASP C 14 -1.25 15.40 -13.98
CA ASP C 14 -0.46 14.16 -13.96
CA ASP C 14 -0.48 14.14 -13.86
C ASP C 14 -1.06 13.10 -14.87
C ASP C 14 -1.06 12.95 -14.65
N MET C 15 -2.38 12.89 -14.78
CA MET C 15 -3.00 11.90 -15.62
C MET C 15 -2.70 12.25 -17.09
N LEU C 16 -2.77 13.54 -17.45
CA LEU C 16 -2.42 13.92 -18.82
C LEU C 16 -1.00 13.63 -19.24
N ASP C 17 -0.04 13.65 -18.32
CA ASP C 17 1.38 13.41 -18.67
C ASP C 17 1.64 11.89 -18.94
N TYR C 18 0.70 11.05 -18.54
CA TYR C 18 0.90 9.57 -18.60
C TYR C 18 -0.27 8.90 -19.29
N GLU C 19 -0.86 9.57 -20.30
CA GLU C 19 -2.11 9.03 -20.91
C GLU C 19 -2.01 7.65 -21.43
N GLU C 20 -0.95 7.37 -22.18
CA GLU C 20 -0.92 6.11 -22.80
C GLU C 20 -0.64 5.00 -21.76
N GLU C 21 0.20 5.28 -20.76
N GLU C 21 0.20 5.29 -20.77
CA GLU C 21 0.44 4.30 -19.67
CA GLU C 21 0.42 4.33 -19.69
C GLU C 21 -0.86 4.02 -18.89
C GLU C 21 -0.90 4.01 -18.97
N LEU C 22 -1.70 5.05 -18.71
CA LEU C 22 -2.97 4.88 -18.02
C LEU C 22 -4.09 4.32 -18.87
N ARG C 23 -3.86 4.29 -20.15
CA ARG C 23 -4.89 3.85 -21.16
C ARG C 23 -6.12 4.77 -21.15
N ILE C 24 -5.84 6.07 -21.14
CA ILE C 24 -6.96 7.04 -21.17
C ILE C 24 -6.62 7.96 -22.35
N GLU C 25 -7.58 8.79 -22.76
CA GLU C 25 -7.29 9.70 -23.92
C GLU C 25 -7.97 11.03 -23.64
N SER C 26 -7.37 12.13 -24.06
CA SER C 26 -7.97 13.47 -23.74
C SER C 26 -8.18 14.19 -25.07
N LYS C 27 -9.15 15.09 -25.06
CA LYS C 27 -9.38 15.96 -26.23
C LYS C 27 -9.58 17.36 -25.66
N LYS C 28 -9.04 18.34 -26.39
CA LYS C 28 -9.34 19.77 -26.10
C LYS C 28 -10.46 20.22 -27.03
N LEU C 29 -11.56 20.69 -26.47
CA LEU C 29 -12.74 21.02 -27.30
C LEU C 29 -12.55 22.46 -27.89
N GLU C 30 -13.48 22.89 -28.74
CA GLU C 30 -13.29 24.16 -29.47
C GLU C 30 -13.25 25.34 -28.51
N ASN C 31 -14.00 25.22 -27.41
CA ASN C 31 -13.94 26.25 -26.35
C ASN C 31 -12.78 26.13 -25.36
N GLY C 32 -11.90 25.13 -25.55
CA GLY C 32 -10.73 24.95 -24.69
C GLY C 32 -10.95 23.94 -23.53
N ALA C 33 -12.17 23.51 -23.26
CA ALA C 33 -12.47 22.56 -22.16
C ALA C 33 -11.70 21.26 -22.48
N ILE C 34 -11.20 20.61 -21.44
CA ILE C 34 -10.45 19.35 -21.66
C ILE C 34 -11.28 18.19 -21.12
N VAL C 35 -11.61 17.23 -22.00
CA VAL C 35 -12.44 16.10 -21.70
C VAL C 35 -11.46 14.88 -21.71
N VAL C 36 -11.38 14.19 -20.57
CA VAL C 36 -10.43 13.07 -20.43
C VAL C 36 -11.27 11.80 -20.36
N ASP C 37 -11.16 10.97 -21.41
CA ASP C 37 -11.91 9.75 -21.49
C ASP C 37 -11.13 8.72 -20.66
N CYS C 38 -11.74 8.28 -19.56
CA CYS C 38 -11.12 7.27 -18.71
C CYS C 38 -11.81 5.94 -18.88
N GLY C 39 -12.72 5.82 -19.85
CA GLY C 39 -13.38 4.51 -19.96
C GLY C 39 -14.45 4.30 -21.03
N VAL C 40 -14.75 5.36 -21.75
CA VAL C 40 -15.84 5.31 -22.77
C VAL C 40 -15.36 4.56 -24.01
N ASN C 41 -14.37 5.13 -24.69
CA ASN C 41 -13.71 4.52 -25.84
C ASN C 41 -12.37 3.94 -25.59
N VAL C 42 -11.96 3.88 -24.32
CA VAL C 42 -10.59 3.45 -23.98
C VAL C 42 -10.77 2.52 -22.79
N PRO C 43 -9.75 1.69 -22.52
CA PRO C 43 -9.94 0.71 -21.45
C PRO C 43 -9.81 1.32 -20.06
N GLY C 44 -9.01 2.38 -19.96
CA GLY C 44 -8.60 2.86 -18.59
C GLY C 44 -7.72 1.80 -17.90
N SER C 45 -7.54 2.00 -16.61
CA SER C 45 -6.55 1.16 -15.81
C SER C 45 -6.88 1.31 -14.37
N TYR C 46 -6.25 0.43 -13.55
CA TYR C 46 -6.44 0.53 -12.15
C TYR C 46 -5.88 1.86 -11.71
N ASP C 47 -4.71 2.27 -12.25
CA ASP C 47 -4.14 3.57 -11.76
C ASP C 47 -5.00 4.72 -12.23
N ALA C 48 -5.58 4.64 -13.42
CA ALA C 48 -6.50 5.76 -13.81
C ALA C 48 -7.66 5.79 -12.84
N GLY C 49 -8.12 4.61 -12.42
CA GLY C 49 -9.20 4.49 -11.39
C GLY C 49 -8.83 5.15 -10.07
N ILE C 50 -7.61 4.89 -9.56
CA ILE C 50 -7.18 5.48 -8.29
C ILE C 50 -7.12 7.02 -8.45
N MET C 51 -6.52 7.46 -9.54
CA MET C 51 -6.45 8.94 -9.74
C MET C 51 -7.80 9.63 -9.91
N TYR C 52 -8.67 8.96 -10.67
CA TYR C 52 -10.07 9.41 -10.72
C TYR C 52 -10.69 9.58 -9.32
N THR C 53 -10.52 8.55 -8.49
CA THR C 53 -11.05 8.59 -7.16
C THR C 53 -10.36 9.70 -6.37
N GLN C 54 -9.03 9.80 -6.47
CA GLN C 54 -8.36 10.93 -5.73
C GLN C 54 -8.94 12.29 -6.12
N VAL C 55 -9.11 12.47 -7.43
CA VAL C 55 -9.80 13.68 -7.96
C VAL C 55 -11.18 13.87 -7.35
N CYS C 56 -12.03 12.85 -7.43
CA CYS C 56 -13.31 12.91 -6.75
C CYS C 56 -13.23 13.36 -5.31
N MET C 57 -12.20 12.94 -4.57
CA MET C 57 -12.13 13.28 -3.18
C MET C 57 -11.34 14.62 -3.00
N GLY C 58 -11.15 15.33 -4.06
CA GLY C 58 -10.58 16.72 -3.95
C GLY C 58 -9.10 16.74 -3.62
N GLY C 59 -8.43 15.59 -3.84
CA GLY C 59 -7.00 15.51 -3.40
C GLY C 59 -6.75 15.40 -1.92
N LEU C 60 -7.84 15.20 -1.15
CA LEU C 60 -7.77 15.26 0.30
C LEU C 60 -7.90 13.86 0.91
N ALA C 61 -7.64 12.84 0.10
CA ALA C 61 -7.68 11.47 0.65
C ALA C 61 -6.49 10.67 0.12
N ASP C 62 -6.09 9.60 0.83
N ASP C 62 -6.13 9.59 0.82
CA ASP C 62 -5.16 8.65 0.23
CA ASP C 62 -5.15 8.66 0.28
C ASP C 62 -6.00 7.51 -0.31
C ASP C 62 -5.97 7.49 -0.29
N VAL C 63 -5.67 7.04 -1.50
CA VAL C 63 -6.42 5.91 -2.11
C VAL C 63 -5.37 4.96 -2.71
N ASP C 64 -5.47 3.65 -2.41
CA ASP C 64 -4.50 2.71 -2.99
C ASP C 64 -5.28 1.40 -3.23
N ILE C 65 -4.67 0.50 -3.98
CA ILE C 65 -5.27 -0.81 -4.25
C ILE C 65 -4.37 -1.90 -3.66
N VAL C 66 -4.96 -2.83 -2.93
CA VAL C 66 -4.21 -4.01 -2.45
CA VAL C 66 -4.18 -3.99 -2.46
C VAL C 66 -5.01 -5.20 -2.88
N VAL C 67 -4.33 -6.33 -3.19
CA VAL C 67 -5.02 -7.56 -3.61
C VAL C 67 -5.15 -8.45 -2.38
N ASP C 68 -6.34 -9.00 -2.16
CA ASP C 68 -6.55 -9.82 -0.97
C ASP C 68 -7.65 -10.80 -1.35
N THR C 69 -8.11 -11.66 -0.44
CA THR C 69 -9.10 -12.66 -0.79
C THR C 69 -10.37 -12.51 0.04
N ILE C 70 -11.46 -13.05 -0.50
CA ILE C 70 -12.72 -13.21 0.23
C ILE C 70 -13.07 -14.67 0.02
N ASN C 71 -13.09 -15.40 1.15
CA ASN C 71 -13.34 -16.88 1.11
C ASN C 71 -12.38 -17.54 0.13
N ASP C 72 -11.12 -17.16 0.26
CA ASP C 72 -10.07 -17.52 -0.64
C ASP C 72 -10.12 -17.02 -2.08
N VAL C 73 -11.19 -16.34 -2.54
CA VAL C 73 -11.19 -15.91 -3.91
C VAL C 73 -10.40 -14.56 -3.99
N PRO C 74 -9.50 -14.42 -4.93
CA PRO C 74 -8.76 -13.12 -4.95
C PRO C 74 -9.60 -12.00 -5.59
N PHE C 75 -9.45 -10.80 -5.01
CA PHE C 75 -10.02 -9.56 -5.62
C PHE C 75 -9.03 -8.46 -5.35
N ALA C 76 -9.10 -7.44 -6.18
CA ALA C 76 -8.45 -6.17 -5.89
C ALA C 76 -9.34 -5.40 -4.91
N PHE C 77 -8.73 -4.78 -3.90
CA PHE C 77 -9.53 -3.89 -3.00
C PHE C 77 -9.02 -2.48 -3.06
N VAL C 78 -9.96 -1.55 -2.86
CA VAL C 78 -9.57 -0.18 -2.47
C VAL C 78 -9.36 -0.13 -0.99
N THR C 79 -8.26 0.51 -0.59
CA THR C 79 -8.05 0.89 0.82
C THR C 79 -7.74 2.41 0.80
N GLU C 80 -8.49 3.13 1.66
CA GLU C 80 -8.48 4.59 1.56
C GLU C 80 -8.69 5.23 2.90
N TYR C 81 -8.26 6.49 3.02
CA TYR C 81 -8.56 7.24 4.28
C TYR C 81 -8.45 8.72 4.02
N THR C 82 -9.16 9.46 4.88
CA THR C 82 -9.13 10.91 4.79
C THR C 82 -9.27 11.55 6.15
N ASP C 83 -8.63 12.71 6.33
CA ASP C 83 -8.85 13.50 7.54
C ASP C 83 -9.64 14.79 7.23
N HIS C 84 -10.25 14.84 6.06
CA HIS C 84 -11.19 15.90 5.72
C HIS C 84 -12.48 15.25 5.18
N PRO C 85 -13.15 14.42 6.00
CA PRO C 85 -14.21 13.64 5.42
C PRO C 85 -15.38 14.52 4.95
N ALA C 86 -15.70 15.57 5.68
CA ALA C 86 -16.81 16.45 5.14
C ALA C 86 -16.54 17.06 3.77
N ILE C 87 -15.41 17.72 3.58
CA ILE C 87 -15.07 18.29 2.31
C ILE C 87 -14.83 17.24 1.25
N ALA C 88 -14.03 16.23 1.62
CA ALA C 88 -13.60 15.29 0.55
C ALA C 88 -14.82 14.47 0.06
N CYS C 89 -15.69 14.09 0.99
CA CYS C 89 -16.70 13.09 0.63
C CYS C 89 -17.99 13.78 0.30
N LEU C 90 -18.42 14.77 1.13
CA LEU C 90 -19.71 15.49 0.90
C LEU C 90 -19.51 16.68 -0.05
N GLY C 91 -18.42 17.44 0.14
CA GLY C 91 -18.24 18.64 -0.64
C GLY C 91 -17.63 18.38 -1.97
N SER C 92 -17.21 17.12 -2.25
CA SER C 92 -16.55 16.86 -3.50
C SER C 92 -17.02 15.49 -4.06
N GLN C 93 -16.79 14.42 -3.34
CA GLN C 93 -16.89 13.13 -4.04
C GLN C 93 -18.31 12.74 -4.40
N LYS C 94 -19.24 12.98 -3.48
CA LYS C 94 -20.68 12.60 -3.68
C LYS C 94 -21.14 13.08 -5.04
N ALA C 95 -21.87 12.17 -5.71
CA ALA C 95 -22.35 12.50 -7.05
C ALA C 95 -23.64 13.35 -6.91
N GLY C 96 -23.44 14.58 -6.48
CA GLY C 96 -24.59 15.37 -6.04
C GLY C 96 -25.09 16.36 -7.06
N TRP C 97 -24.53 16.34 -8.26
CA TRP C 97 -24.95 17.27 -9.30
C TRP C 97 -25.43 16.52 -10.52
N GLN C 98 -26.74 16.58 -10.75
CA GLN C 98 -27.31 15.91 -11.90
C GLN C 98 -27.09 16.85 -13.09
N ILE C 99 -26.32 16.37 -14.07
CA ILE C 99 -25.98 17.20 -15.21
C ILE C 99 -27.01 16.84 -16.32
N LYS C 100 -27.86 17.80 -16.68
CA LYS C 100 -28.87 17.52 -17.73
C LYS C 100 -28.85 18.63 -18.78
N VAL C 101 -28.36 18.30 -19.99
CA VAL C 101 -28.18 19.28 -21.06
C VAL C 101 -28.75 18.71 -22.36
N ASP C 102 -29.92 19.24 -22.77
CA ASP C 102 -30.74 18.61 -23.81
C ASP C 102 -31.01 17.18 -23.43
N LYS C 103 -30.50 16.29 -24.27
CA LYS C 103 -30.61 14.86 -24.09
C LYS C 103 -29.35 14.24 -23.43
N TYR C 104 -28.33 15.07 -23.17
CA TYR C 104 -27.13 14.55 -22.49
C TYR C 104 -27.40 14.46 -21.01
N PHE C 105 -27.15 13.32 -20.41
CA PHE C 105 -27.35 13.22 -18.97
C PHE C 105 -26.18 12.49 -18.30
N ALA C 106 -25.74 13.00 -17.15
CA ALA C 106 -24.61 12.37 -16.44
C ALA C 106 -24.72 12.74 -14.98
N MET C 107 -24.28 11.86 -14.09
N MET C 107 -24.23 11.81 -14.14
CA MET C 107 -24.16 12.22 -12.69
CA MET C 107 -23.98 11.96 -12.71
C MET C 107 -22.76 12.78 -12.48
C MET C 107 -22.68 12.81 -12.59
N GLY C 108 -22.74 13.99 -11.99
CA GLY C 108 -21.48 14.73 -11.74
C GLY C 108 -21.00 14.64 -10.33
N SER C 109 -19.73 14.28 -10.15
CA SER C 109 -19.10 14.28 -8.82
C SER C 109 -17.91 15.16 -8.91
N GLY C 110 -17.34 15.39 -7.75
CA GLY C 110 -15.98 15.95 -7.75
C GLY C 110 -15.94 17.47 -7.49
N PRO C 111 -14.75 18.06 -7.57
CA PRO C 111 -14.48 19.35 -6.96
C PRO C 111 -15.29 20.43 -7.59
N ALA C 112 -15.64 20.29 -8.88
CA ALA C 112 -16.41 21.33 -9.54
C ALA C 112 -17.74 21.61 -8.79
N ARG C 113 -18.25 20.64 -8.01
CA ARG C 113 -19.47 20.82 -7.21
C ARG C 113 -19.28 21.92 -6.17
N ALA C 114 -18.03 22.16 -5.74
CA ALA C 114 -17.74 23.11 -4.72
C ALA C 114 -17.55 24.53 -5.34
N LEU C 115 -17.63 24.67 -6.68
CA LEU C 115 -17.69 26.02 -7.31
C LEU C 115 -19.08 26.28 -7.76
N ALA C 116 -19.73 25.28 -8.33
CA ALA C 116 -21.13 25.39 -8.72
C ALA C 116 -22.07 25.45 -7.53
N LEU C 117 -21.58 24.99 -6.37
CA LEU C 117 -22.37 24.79 -5.14
C LEU C 117 -23.61 23.92 -5.34
N LYS C 118 -23.39 22.65 -5.67
CA LYS C 118 -24.47 21.76 -6.04
C LYS C 118 -24.45 20.60 -5.07
N PRO C 119 -25.40 20.57 -4.13
CA PRO C 119 -26.47 21.52 -3.86
C PRO C 119 -25.94 22.53 -2.83
N LYS C 120 -26.51 23.73 -2.84
CA LYS C 120 -26.11 24.76 -1.91
C LYS C 120 -26.13 24.30 -0.45
N LYS C 121 -27.18 23.61 -0.07
CA LYS C 121 -27.35 23.24 1.32
C LYS C 121 -26.14 22.44 1.89
N THR C 122 -25.50 21.62 1.07
CA THR C 122 -24.33 20.90 1.55
C THR C 122 -23.20 21.80 1.94
N TYR C 123 -22.97 22.84 1.15
CA TYR C 123 -21.80 23.73 1.38
C TYR C 123 -22.04 24.57 2.61
N GLU C 124 -23.29 24.92 2.84
CA GLU C 124 -23.60 25.57 4.12
C GLU C 124 -23.33 24.65 5.30
N ARG C 125 -23.76 23.40 5.21
CA ARG C 125 -23.60 22.49 6.31
C ARG C 125 -22.15 22.15 6.66
N ILE C 126 -21.33 21.98 5.64
CA ILE C 126 -19.93 21.56 5.93
C ILE C 126 -19.04 22.80 6.02
N GLU C 127 -19.64 24.00 5.82
CA GLU C 127 -18.93 25.30 5.98
C GLU C 127 -17.67 25.34 5.11
N TYR C 128 -17.85 25.01 3.84
CA TYR C 128 -16.78 25.02 2.86
C TYR C 128 -17.30 25.57 1.58
N GLU C 129 -16.51 26.45 0.95
CA GLU C 129 -16.72 26.72 -0.47
C GLU C 129 -15.35 26.88 -1.10
N ASP C 130 -15.19 26.47 -2.34
CA ASP C 130 -13.94 26.64 -3.01
C ASP C 130 -13.88 28.01 -3.68
N ASP C 131 -12.67 28.44 -3.95
CA ASP C 131 -12.51 29.72 -4.70
C ASP C 131 -11.37 29.49 -5.65
N ALA C 132 -11.69 29.28 -6.91
CA ALA C 132 -10.70 28.86 -7.84
C ALA C 132 -11.13 29.29 -9.23
N ASP C 133 -10.15 29.38 -10.13
CA ASP C 133 -10.34 29.69 -11.55
C ASP C 133 -10.24 28.47 -12.47
N VAL C 134 -10.34 27.29 -11.88
CA VAL C 134 -10.23 26.03 -12.64
C VAL C 134 -11.29 25.15 -12.02
N ALA C 135 -11.94 24.34 -12.83
CA ALA C 135 -12.95 23.46 -12.32
C ALA C 135 -12.63 22.04 -12.83
N VAL C 136 -12.78 21.07 -11.94
CA VAL C 136 -12.54 19.63 -12.28
C VAL C 136 -13.79 18.85 -11.90
N ILE C 137 -14.44 18.25 -12.90
CA ILE C 137 -15.62 17.46 -12.66
C ILE C 137 -15.38 16.03 -13.11
N ALA C 138 -16.08 15.11 -12.46
CA ALA C 138 -15.97 13.71 -12.91
C ALA C 138 -17.36 13.24 -13.24
N LEU C 139 -17.52 12.68 -14.43
CA LEU C 139 -18.81 12.29 -14.92
C LEU C 139 -18.89 10.77 -15.06
N GLU C 140 -19.96 10.19 -14.52
CA GLU C 140 -20.23 8.77 -14.70
C GLU C 140 -21.27 8.76 -15.85
N ALA C 141 -20.80 8.35 -17.00
CA ALA C 141 -21.58 8.39 -18.21
C ALA C 141 -21.05 7.43 -19.26
N ASN C 142 -21.95 7.04 -20.18
CA ASN C 142 -21.54 6.20 -21.33
C ASN C 142 -21.24 6.96 -22.60
N GLN C 143 -21.22 8.29 -22.52
CA GLN C 143 -20.94 9.13 -23.63
C GLN C 143 -20.08 10.25 -23.10
N LEU C 144 -19.18 10.74 -23.93
CA LEU C 144 -18.36 11.90 -23.60
C LEU C 144 -19.19 13.21 -23.81
N PRO C 145 -18.96 14.23 -22.95
CA PRO C 145 -19.62 15.51 -23.06
C PRO C 145 -19.04 16.35 -24.18
N ASP C 146 -19.90 17.08 -24.92
CA ASP C 146 -19.36 17.86 -26.02
C ASP C 146 -19.26 19.34 -25.62
N GLU C 147 -18.87 20.19 -26.60
CA GLU C 147 -18.72 21.65 -26.40
C GLU C 147 -19.80 22.31 -25.56
N LYS C 148 -21.04 22.01 -25.87
CA LYS C 148 -22.21 22.62 -25.22
C LYS C 148 -22.36 22.14 -23.78
N VAL C 149 -22.10 20.85 -23.57
CA VAL C 149 -22.11 20.35 -22.19
C VAL C 149 -21.04 20.99 -21.36
N MET C 150 -19.83 21.12 -21.92
CA MET C 150 -18.73 21.65 -21.15
C MET C 150 -18.91 23.15 -20.94
N GLU C 151 -19.51 23.83 -21.92
CA GLU C 151 -19.87 25.24 -21.72
C GLU C 151 -20.86 25.41 -20.57
N PHE C 152 -21.89 24.55 -20.49
CA PHE C 152 -22.82 24.56 -19.41
C PHE C 152 -22.17 24.38 -18.02
N ILE C 153 -21.32 23.37 -17.90
CA ILE C 153 -20.62 23.14 -16.63
C ILE C 153 -19.76 24.32 -16.24
N ALA C 154 -19.04 24.86 -17.21
CA ALA C 154 -18.15 26.00 -16.91
C ALA C 154 -18.95 27.23 -16.45
N LYS C 155 -20.09 27.47 -17.11
CA LYS C 155 -21.07 28.56 -16.70
C LYS C 155 -21.50 28.36 -15.27
N GLU C 156 -21.90 27.12 -14.92
CA GLU C 156 -22.41 26.87 -13.59
C GLU C 156 -21.36 27.04 -12.47
N CYS C 157 -20.11 26.71 -12.83
CA CYS C 157 -18.92 26.88 -11.99
C CYS C 157 -18.36 28.29 -12.03
N ASP C 158 -18.83 29.12 -12.96
CA ASP C 158 -18.17 30.41 -13.23
C ASP C 158 -16.69 30.33 -13.46
N VAL C 159 -16.32 29.48 -14.39
CA VAL C 159 -14.97 29.42 -14.82
C VAL C 159 -15.12 29.50 -16.34
N ASP C 160 -14.10 29.99 -17.01
CA ASP C 160 -14.01 29.99 -18.47
C ASP C 160 -13.84 28.52 -18.94
N PRO C 161 -14.53 28.11 -20.05
CA PRO C 161 -14.39 26.70 -20.47
C PRO C 161 -12.98 26.26 -20.66
N GLU C 162 -12.08 27.21 -20.95
CA GLU C 162 -10.67 26.90 -21.13
C GLU C 162 -9.99 26.40 -19.87
N ASN C 163 -10.66 26.56 -18.76
CA ASN C 163 -10.13 26.09 -17.51
C ASN C 163 -11.05 25.07 -16.85
N VAL C 164 -11.81 24.31 -17.63
CA VAL C 164 -12.64 23.22 -17.06
C VAL C 164 -12.05 21.88 -17.57
N TYR C 165 -11.95 20.90 -16.67
CA TYR C 165 -11.51 19.50 -17.00
C TYR C 165 -12.66 18.57 -16.63
N ALA C 166 -12.97 17.58 -17.47
CA ALA C 166 -13.94 16.57 -17.05
C ALA C 166 -13.25 15.20 -17.20
N LEU C 167 -13.35 14.39 -16.15
CA LEU C 167 -12.99 12.95 -16.30
C LEU C 167 -14.23 12.19 -16.52
N VAL C 168 -14.24 11.25 -17.47
CA VAL C 168 -15.46 10.51 -17.80
C VAL C 168 -15.22 8.97 -17.85
N ALA C 169 -16.01 8.24 -17.11
CA ALA C 169 -16.05 6.78 -17.30
C ALA C 169 -17.45 6.24 -17.06
N PRO C 170 -17.83 5.18 -17.78
CA PRO C 170 -19.10 4.55 -17.57
C PRO C 170 -19.10 3.65 -16.35
N THR C 171 -20.27 3.26 -15.87
CA THR C 171 -20.39 2.44 -14.68
C THR C 171 -19.67 1.09 -14.91
N ALA C 172 -19.87 0.50 -16.10
CA ALA C 172 -19.16 -0.77 -16.43
C ALA C 172 -17.83 -0.47 -17.10
N SER C 173 -16.76 -0.31 -16.29
CA SER C 173 -15.41 -0.04 -16.80
C SER C 173 -14.48 -0.25 -15.58
N ILE C 174 -13.20 -0.40 -15.82
CA ILE C 174 -12.34 -0.60 -14.63
C ILE C 174 -12.34 0.69 -13.85
N VAL C 175 -12.30 1.82 -14.51
CA VAL C 175 -12.32 3.05 -13.70
C VAL C 175 -13.65 3.18 -12.93
N GLY C 176 -14.74 2.83 -13.59
CA GLY C 176 -16.01 2.76 -12.88
C GLY C 176 -16.00 1.87 -11.65
N SER C 177 -15.50 0.65 -11.79
CA SER C 177 -15.41 -0.20 -10.62
C SER C 177 -14.59 0.40 -9.46
N VAL C 178 -13.42 0.92 -9.83
CA VAL C 178 -12.48 1.42 -8.83
C VAL C 178 -13.07 2.65 -8.15
N GLN C 179 -13.54 3.59 -8.96
CA GLN C 179 -14.04 4.84 -8.34
C GLN C 179 -15.27 4.69 -7.50
N ILE C 180 -16.14 3.75 -7.85
CA ILE C 180 -17.30 3.46 -7.02
C ILE C 180 -16.94 2.75 -5.70
N SER C 181 -16.09 1.70 -5.72
CA SER C 181 -15.57 1.14 -4.48
C SER C 181 -14.77 2.17 -3.65
N GLY C 182 -14.15 3.09 -4.37
CA GLY C 182 -13.49 4.21 -3.73
C GLY C 182 -14.38 5.24 -3.07
N ARG C 183 -15.68 5.03 -3.12
CA ARG C 183 -16.63 5.80 -2.30
C ARG C 183 -16.96 5.18 -0.96
N ILE C 184 -16.20 4.14 -0.56
CA ILE C 184 -16.58 3.43 0.66
C ILE C 184 -16.62 4.39 1.91
N VAL C 185 -15.65 5.29 2.07
CA VAL C 185 -15.73 6.23 3.21
C VAL C 185 -16.94 7.20 3.00
N GLN C 186 -17.08 7.70 1.76
CA GLN C 186 -18.20 8.62 1.41
C GLN C 186 -19.55 7.98 1.75
N THR C 187 -19.77 6.68 1.58
CA THR C 187 -21.10 6.17 1.86
CA THR C 187 -21.08 6.10 1.86
C THR C 187 -21.41 6.18 3.34
N ALA C 188 -20.41 5.94 4.20
CA ALA C 188 -20.58 6.06 5.62
C ALA C 188 -20.92 7.55 5.91
N ILE C 189 -20.11 8.46 5.39
CA ILE C 189 -20.31 9.90 5.78
C ILE C 189 -21.71 10.38 5.34
N PHE C 190 -22.02 10.08 4.12
CA PHE C 190 -23.32 10.50 3.56
C PHE C 190 -24.47 9.85 4.35
N LYS C 191 -24.42 8.53 4.61
CA LYS C 191 -25.47 7.88 5.41
C LYS C 191 -25.55 8.54 6.83
N MET C 192 -24.42 8.90 7.44
CA MET C 192 -24.44 9.57 8.74
C MET C 192 -25.18 10.90 8.65
N ASN C 193 -24.90 11.67 7.62
CA ASN C 193 -25.61 12.96 7.46
C ASN C 193 -27.11 12.68 7.29
N GLU C 194 -27.41 11.73 6.42
N GLU C 194 -27.42 11.74 6.40
CA GLU C 194 -28.80 11.38 6.13
CA GLU C 194 -28.82 11.35 6.13
C GLU C 194 -29.64 11.03 7.32
C GLU C 194 -29.64 11.05 7.35
N ILE C 195 -29.06 10.31 8.29
CA ILE C 195 -29.78 9.94 9.49
C ILE C 195 -29.76 10.99 10.62
N GLY C 196 -29.21 12.17 10.32
CA GLY C 196 -29.20 13.28 11.28
C GLY C 196 -27.95 13.53 12.10
N TYR C 197 -26.83 12.89 11.74
CA TYR C 197 -25.60 13.03 12.51
C TYR C 197 -24.74 14.08 11.81
N ASP C 198 -24.41 15.17 12.52
CA ASP C 198 -23.74 16.30 11.87
C ASP C 198 -22.35 15.86 11.35
N PRO C 199 -22.09 16.01 10.02
CA PRO C 199 -20.76 15.67 9.44
C PRO C 199 -19.65 16.47 10.05
N LYS C 200 -19.96 17.67 10.57
CA LYS C 200 -18.92 18.40 11.30
C LYS C 200 -18.33 17.74 12.55
N LEU C 201 -19.02 16.74 13.11
CA LEU C 201 -18.57 16.01 14.26
C LEU C 201 -17.56 14.91 13.83
N ILE C 202 -17.44 14.66 12.53
CA ILE C 202 -16.64 13.47 12.07
C ILE C 202 -15.20 13.94 11.82
N VAL C 203 -14.26 13.26 12.46
CA VAL C 203 -12.87 13.71 12.47
C VAL C 203 -12.19 13.07 11.24
N SER C 204 -12.39 11.77 11.03
CA SER C 204 -11.61 11.10 9.95
C SER C 204 -12.31 9.79 9.63
N GLY C 205 -11.97 9.15 8.52
CA GLY C 205 -12.49 7.79 8.34
C GLY C 205 -11.51 7.07 7.41
N ALA C 206 -11.58 5.75 7.45
CA ALA C 206 -10.64 4.91 6.72
C ALA C 206 -11.46 3.69 6.32
N GLY C 207 -11.35 3.28 5.07
CA GLY C 207 -12.28 2.25 4.58
C GLY C 207 -11.60 1.27 3.65
N ARG C 208 -12.25 0.10 3.50
N ARG C 208 -12.28 0.14 3.44
CA ARG C 208 -11.79 -1.01 2.66
CA ARG C 208 -11.78 -0.86 2.55
C ARG C 208 -12.97 -1.49 1.88
C ARG C 208 -12.97 -1.45 1.86
N CYS C 209 -12.79 -1.79 0.61
CA CYS C 209 -13.92 -2.29 -0.21
C CYS C 209 -13.36 -3.01 -1.42
N PRO C 210 -13.88 -4.24 -1.72
CA PRO C 210 -13.46 -4.92 -2.91
C PRO C 210 -13.97 -4.18 -4.15
N ILE C 211 -13.19 -4.27 -5.22
CA ILE C 211 -13.47 -3.66 -6.52
C ILE C 211 -14.27 -4.71 -7.31
N SER C 212 -15.47 -4.31 -7.67
CA SER C 212 -16.29 -5.21 -8.47
C SER C 212 -15.67 -5.64 -9.82
N PRO C 213 -15.80 -6.95 -10.17
CA PRO C 213 -15.60 -7.30 -11.54
C PRO C 213 -16.50 -6.49 -12.47
N ILE C 214 -16.11 -6.39 -13.71
CA ILE C 214 -16.86 -5.60 -14.70
C ILE C 214 -17.95 -6.55 -15.23
N LEU C 215 -19.20 -6.15 -15.00
CA LEU C 215 -20.32 -6.95 -15.54
C LEU C 215 -20.67 -6.55 -16.94
N GLU C 216 -21.68 -7.24 -17.52
CA GLU C 216 -21.77 -7.12 -18.97
C GLU C 216 -22.43 -5.84 -19.52
N ASN C 217 -22.95 -4.96 -18.64
CA ASN C 217 -23.48 -3.65 -19.08
C ASN C 217 -23.62 -2.71 -17.88
N ASP C 218 -23.85 -1.43 -18.14
CA ASP C 218 -23.93 -0.40 -17.05
C ASP C 218 -24.97 -0.65 -15.97
N LEU C 219 -26.09 -1.29 -16.32
CA LEU C 219 -27.10 -1.49 -15.29
C LEU C 219 -26.77 -2.56 -14.29
N LYS C 220 -26.29 -3.72 -14.79
CA LYS C 220 -25.74 -4.77 -13.92
C LYS C 220 -24.54 -4.26 -13.09
N ALA C 221 -23.71 -3.46 -13.72
CA ALA C 221 -22.52 -2.87 -13.04
C ALA C 221 -22.92 -1.92 -11.95
N MET C 222 -23.97 -1.13 -12.21
N MET C 222 -23.97 -1.13 -12.19
CA MET C 222 -24.53 -0.29 -11.16
CA MET C 222 -24.50 -0.28 -11.11
C MET C 222 -24.85 -1.09 -9.91
C MET C 222 -24.82 -1.11 -9.87
N GLY C 223 -25.39 -2.30 -10.08
CA GLY C 223 -25.68 -3.23 -8.99
C GLY C 223 -24.45 -3.71 -8.23
N SER C 224 -23.50 -4.27 -8.97
CA SER C 224 -22.35 -4.98 -8.37
C SER C 224 -21.39 -4.00 -7.75
N THR C 225 -21.19 -2.87 -8.38
CA THR C 225 -20.25 -1.83 -7.80
C THR C 225 -20.83 -1.36 -6.45
N ASN C 226 -22.11 -1.00 -6.43
CA ASN C 226 -22.76 -0.62 -5.17
C ASN C 226 -22.83 -1.67 -4.13
N ASP C 227 -23.07 -2.92 -4.54
CA ASP C 227 -23.10 -4.01 -3.53
C ASP C 227 -21.77 -4.21 -2.92
N SER C 228 -20.70 -3.84 -3.63
CA SER C 228 -19.37 -3.97 -3.02
C SER C 228 -19.42 -3.29 -1.68
N MET C 229 -19.93 -2.05 -1.65
CA MET C 229 -19.91 -1.32 -0.36
C MET C 229 -20.99 -1.82 0.60
N MET C 230 -22.21 -2.02 0.06
CA MET C 230 -23.33 -2.37 0.91
C MET C 230 -23.18 -3.73 1.59
N TYR C 231 -22.50 -4.66 0.91
CA TYR C 231 -22.34 -6.04 1.43
C TYR C 231 -20.93 -6.41 1.81
N TYR C 232 -19.93 -5.58 1.40
CA TYR C 232 -18.59 -5.97 1.85
C TYR C 232 -17.67 -4.77 2.03
N GLY C 233 -18.27 -3.62 2.36
CA GLY C 233 -17.50 -2.36 2.64
C GLY C 233 -17.34 -2.12 4.14
N SER C 234 -16.12 -1.84 4.58
CA SER C 234 -15.90 -1.68 6.02
C SER C 234 -15.27 -0.32 6.23
N VAL C 235 -15.72 0.39 7.28
CA VAL C 235 -15.18 1.71 7.59
C VAL C 235 -14.85 1.85 9.08
N PHE C 236 -13.63 2.32 9.38
CA PHE C 236 -13.31 2.76 10.69
C PHE C 236 -13.39 4.32 10.71
N LEU C 237 -14.18 4.87 11.65
CA LEU C 237 -14.51 6.33 11.67
C LEU C 237 -14.15 6.86 13.02
N THR C 238 -13.69 8.12 13.07
CA THR C 238 -13.44 8.74 14.36
C THR C 238 -14.39 9.94 14.46
N VAL C 239 -15.04 10.10 15.61
CA VAL C 239 -16.04 11.18 15.73
C VAL C 239 -15.83 11.90 17.07
N LYS C 240 -16.22 13.15 17.10
CA LYS C 240 -16.03 13.93 18.34
C LYS C 240 -16.97 13.48 19.46
N LYS C 241 -18.20 13.10 19.10
CA LYS C 241 -19.17 12.65 20.09
C LYS C 241 -20.15 11.69 19.46
N TYR C 242 -20.07 10.45 19.87
CA TYR C 242 -20.88 9.41 19.29
C TYR C 242 -22.29 9.57 19.80
N ASP C 243 -23.27 9.19 19.00
CA ASP C 243 -24.65 9.18 19.40
C ASP C 243 -25.17 7.80 18.99
N GLU C 244 -26.09 7.26 19.78
CA GLU C 244 -26.63 5.91 19.47
C GLU C 244 -27.40 5.84 18.16
N ILE C 245 -27.81 6.97 17.60
CA ILE C 245 -28.37 6.92 16.26
C ILE C 245 -27.45 6.21 15.23
N LEU C 246 -26.14 6.22 15.49
CA LEU C 246 -25.18 5.65 14.50
C LEU C 246 -25.33 4.12 14.36
N LYS C 247 -26.13 3.47 15.21
CA LYS C 247 -26.39 2.01 15.05
C LYS C 247 -27.14 1.81 13.76
N ASN C 248 -27.72 2.88 13.22
CA ASN C 248 -28.46 2.79 11.97
C ASN C 248 -27.67 3.09 10.69
N VAL C 249 -26.35 3.23 10.81
CA VAL C 249 -25.61 3.49 9.60
C VAL C 249 -25.54 2.26 8.68
N PRO C 250 -25.26 1.05 9.23
CA PRO C 250 -25.03 -0.09 8.30
C PRO C 250 -26.21 -0.39 7.38
N SER C 251 -25.92 -0.89 6.16
CA SER C 251 -26.97 -1.11 5.19
CA SER C 251 -26.94 -1.19 5.14
C SER C 251 -27.91 -2.20 5.73
N CYS C 252 -27.43 -3.03 6.60
CA CYS C 252 -28.28 -4.12 7.11
C CYS C 252 -29.45 -3.67 8.01
N THR C 253 -29.41 -2.40 8.46
CA THR C 253 -30.58 -1.80 9.16
C THR C 253 -31.70 -1.25 8.21
N SER C 254 -31.54 -1.32 6.89
CA SER C 254 -32.55 -0.91 5.96
C SER C 254 -33.52 -2.05 5.76
N ARG C 255 -34.81 -1.71 5.71
CA ARG C 255 -35.82 -2.68 5.31
C ARG C 255 -35.54 -3.41 3.98
N ASP C 256 -34.81 -2.80 3.06
CA ASP C 256 -34.56 -3.40 1.76
C ASP C 256 -33.30 -4.21 1.61
N TYR C 257 -32.58 -4.44 2.71
CA TYR C 257 -31.31 -5.15 2.72
C TYR C 257 -31.53 -6.62 2.41
N GLY C 258 -30.73 -7.17 1.52
CA GLY C 258 -30.51 -8.59 1.66
C GLY C 258 -30.28 -9.26 0.37
N LYS C 259 -30.80 -8.68 -0.71
CA LYS C 259 -30.51 -9.17 -2.07
C LYS C 259 -29.53 -8.20 -2.77
N PRO C 260 -28.83 -8.68 -3.86
CA PRO C 260 -27.99 -7.83 -4.72
C PRO C 260 -28.78 -6.62 -5.27
N PHE C 261 -28.26 -5.41 -5.06
CA PHE C 261 -28.84 -4.15 -5.53
C PHE C 261 -29.55 -4.30 -6.89
N TYR C 262 -28.88 -4.85 -7.88
CA TYR C 262 -29.54 -5.00 -9.18
C TYR C 262 -30.92 -5.73 -9.08
N GLU C 263 -31.03 -6.74 -8.21
CA GLU C 263 -32.31 -7.45 -7.96
C GLU C 263 -33.33 -6.58 -7.18
N ILE C 264 -32.82 -5.78 -6.25
CA ILE C 264 -33.66 -4.83 -5.52
C ILE C 264 -34.22 -3.79 -6.52
N PHE C 265 -33.36 -3.36 -7.45
CA PHE C 265 -33.68 -2.36 -8.45
C PHE C 265 -34.66 -2.89 -9.50
N LYS C 266 -34.44 -4.15 -9.92
CA LYS C 266 -35.39 -4.95 -10.69
C LYS C 266 -36.78 -4.96 -10.05
N ALA C 267 -36.81 -5.14 -8.74
CA ALA C 267 -38.05 -5.25 -7.94
C ALA C 267 -38.79 -3.91 -7.78
N ALA C 268 -38.06 -2.82 -8.03
CA ALA C 268 -38.63 -1.46 -8.01
C ALA C 268 -38.87 -0.90 -9.43
N ASN C 269 -38.83 -1.78 -10.44
CA ASN C 269 -38.89 -1.34 -11.85
C ASN C 269 -38.08 -0.07 -12.12
N TYR C 270 -36.75 -0.13 -11.95
CA TYR C 270 -35.87 0.99 -12.31
C TYR C 270 -36.28 2.30 -11.66
N ASP C 271 -36.74 2.17 -10.43
CA ASP C 271 -37.29 3.30 -9.72
C ASP C 271 -36.53 3.61 -8.44
N PHE C 272 -35.53 4.49 -8.57
CA PHE C 272 -34.83 5.14 -7.45
C PHE C 272 -35.78 5.34 -6.27
N TYR C 273 -36.75 6.24 -6.48
CA TYR C 273 -37.83 6.59 -5.56
C TYR C 273 -38.29 5.49 -4.60
N LYS C 274 -38.57 4.30 -5.13
CA LYS C 274 -39.19 3.22 -4.34
C LYS C 274 -38.24 2.29 -3.58
N ILE C 275 -36.99 2.70 -3.45
CA ILE C 275 -35.99 1.98 -2.63
C ILE C 275 -35.68 2.89 -1.43
N ASP C 276 -35.66 2.31 -0.23
CA ASP C 276 -35.21 2.97 0.98
C ASP C 276 -33.84 3.62 0.67
N PRO C 277 -33.75 4.97 0.84
CA PRO C 277 -32.43 5.57 0.57
C PRO C 277 -31.43 5.13 1.65
N ASN C 278 -31.87 4.70 2.82
CA ASN C 278 -30.93 4.31 3.85
C ASN C 278 -30.16 3.04 3.46
N LEU C 279 -30.56 2.43 2.32
CA LEU C 279 -29.87 1.21 1.83
C LEU C 279 -28.50 1.59 1.37
N PHE C 280 -28.39 2.75 0.69
CA PHE C 280 -27.04 3.30 0.30
C PHE C 280 -26.16 3.65 1.52
N ALA C 281 -25.34 2.67 1.91
CA ALA C 281 -24.69 2.70 3.19
C ALA C 281 -23.57 1.65 3.21
N PRO C 282 -22.64 1.74 4.16
CA PRO C 282 -21.58 0.72 4.22
C PRO C 282 -22.07 -0.58 4.93
N ALA C 283 -21.37 -1.72 4.71
CA ALA C 283 -21.73 -2.95 5.35
C ALA C 283 -21.47 -2.91 6.82
N GLN C 284 -20.32 -2.39 7.21
CA GLN C 284 -19.93 -2.40 8.64
C GLN C 284 -19.02 -1.26 8.98
N ILE C 285 -19.19 -0.76 10.20
CA ILE C 285 -18.38 0.36 10.70
C ILE C 285 -17.91 0.11 12.11
N ALA C 286 -16.78 0.73 12.49
CA ALA C 286 -16.33 0.85 13.85
C ALA C 286 -16.20 2.33 14.06
N VAL C 287 -16.78 2.84 15.18
CA VAL C 287 -16.82 4.32 15.43
C VAL C 287 -16.12 4.63 16.75
N ASN C 288 -14.93 5.21 16.62
CA ASN C 288 -14.11 5.60 17.76
C ASN C 288 -14.69 6.93 18.21
N ASP C 289 -15.30 6.90 19.40
CA ASP C 289 -15.83 8.10 20.08
C ASP C 289 -14.75 8.84 20.91
N LEU C 290 -14.44 10.07 20.53
CA LEU C 290 -13.43 10.82 21.26
C LEU C 290 -13.91 11.19 22.67
N GLU C 291 -15.21 11.26 22.85
CA GLU C 291 -15.76 11.69 24.12
C GLU C 291 -15.60 10.62 25.21
N THR C 292 -16.10 9.41 24.96
CA THR C 292 -16.07 8.33 25.92
C THR C 292 -14.76 7.52 25.78
N GLY C 293 -14.11 7.61 24.62
CA GLY C 293 -12.92 6.79 24.35
C GLY C 293 -13.26 5.34 24.02
N LYS C 294 -14.54 5.07 23.79
CA LYS C 294 -15.01 3.75 23.35
C LYS C 294 -15.13 3.69 21.83
N THR C 295 -15.15 2.48 21.30
CA THR C 295 -15.27 2.32 19.84
C THR C 295 -16.39 1.36 19.59
N TYR C 296 -17.39 1.86 18.91
CA TYR C 296 -18.68 1.16 18.71
C TYR C 296 -18.76 0.47 17.36
N VAL C 297 -19.03 -0.84 17.35
CA VAL C 297 -19.02 -1.60 16.09
C VAL C 297 -20.49 -1.95 15.70
N HIS C 298 -20.82 -1.76 14.43
CA HIS C 298 -22.14 -2.04 13.94
C HIS C 298 -22.04 -2.61 12.57
N GLY C 299 -22.92 -3.55 12.25
CA GLY C 299 -23.12 -4.02 10.85
C GLY C 299 -22.47 -5.39 10.66
N LYS C 300 -22.33 -5.81 9.42
CA LYS C 300 -21.74 -7.11 9.16
C LYS C 300 -21.36 -7.22 7.72
N LEU C 301 -20.53 -8.22 7.41
CA LEU C 301 -20.19 -8.49 6.01
C LEU C 301 -21.04 -9.64 5.49
N ASN C 302 -21.16 -9.69 4.18
CA ASN C 302 -21.99 -10.68 3.52
C ASN C 302 -21.38 -11.15 2.22
N ALA C 303 -20.45 -12.12 2.34
CA ALA C 303 -19.76 -12.65 1.17
C ALA C 303 -20.72 -13.42 0.26
N GLU C 304 -21.70 -14.10 0.87
CA GLU C 304 -22.70 -14.87 0.12
C GLU C 304 -23.44 -13.96 -0.86
N VAL C 305 -23.93 -12.82 -0.37
CA VAL C 305 -24.63 -11.91 -1.30
C VAL C 305 -23.64 -11.28 -2.30
N LEU C 306 -22.48 -10.91 -1.77
CA LEU C 306 -21.44 -10.31 -2.67
C LEU C 306 -21.16 -11.24 -3.86
N PHE C 307 -21.04 -12.54 -3.61
CA PHE C 307 -20.69 -13.43 -4.69
C PHE C 307 -21.81 -13.60 -5.72
N GLN C 308 -23.10 -13.54 -5.30
CA GLN C 308 -24.19 -13.51 -6.27
C GLN C 308 -24.15 -12.26 -7.13
N SER C 309 -23.89 -11.17 -6.44
N SER C 309 -23.92 -11.13 -6.48
CA SER C 309 -23.81 -9.88 -7.07
CA SER C 309 -23.81 -9.83 -7.16
C SER C 309 -22.70 -9.79 -8.14
C SER C 309 -22.69 -9.84 -8.21
N TYR C 310 -21.55 -10.37 -7.80
CA TYR C 310 -20.36 -10.40 -8.67
C TYR C 310 -20.43 -11.46 -9.74
N GLN C 311 -21.54 -12.25 -9.74
CA GLN C 311 -21.78 -13.30 -10.74
C GLN C 311 -20.55 -14.26 -10.77
N ILE C 312 -20.13 -14.63 -9.58
CA ILE C 312 -19.01 -15.59 -9.40
C ILE C 312 -19.49 -17.00 -9.81
N VAL C 313 -18.65 -17.70 -10.55
CA VAL C 313 -18.90 -19.09 -10.92
C VAL C 313 -17.82 -19.89 -10.21
N LEU C 314 -18.22 -20.70 -9.23
CA LEU C 314 -17.24 -21.58 -8.58
C LEU C 314 -17.30 -22.97 -9.26
N GLU C 315 -16.21 -23.73 -9.22
CA GLU C 315 -16.21 -25.04 -9.91
C GLU C 315 -17.23 -26.06 -9.40
#